data_8C1N
#
_entry.id   8C1N
#
_cell.length_a   93.343
_cell.length_b   97.024
_cell.length_c   115.902
_cell.angle_alpha   90.000
_cell.angle_beta   90.000
_cell.angle_gamma   90.000
#
_symmetry.space_group_name_H-M   'P 21 21 21'
#
loop_
_entity.id
_entity.type
_entity.pdbx_description
1 polymer 'RNA-directed RNA polymerase 3D-POL'
2 polymer 'Protein 3B-1'
3 non-polymer TRIPHOSPHATE
4 non-polymer GLYCEROL
5 non-polymer 'ACETATE ION'
6 water water
#
loop_
_entity_poly.entity_id
_entity_poly.type
_entity_poly.pdbx_seq_one_letter_code
_entity_poly.pdbx_strand_id
1 'polypeptide(L)'
;GLIVDTRDVEERVHVMRKTKLAPTVAHGVFNPEFGPAALSNKDPRLNEGVVLDEVIFSKHKGDTKMSAEDKALFRRCAAD
YASRLHSVLGTANAPLSIYEAIKGVDGLDAMEPDTAPGLPWALQGKRRGALIDFENGTVGPEVEAALKLMEKREYKFACQ
TFLKDEIRPMEKVRAGKTRIVDVLPVEHILYTRMMIGRFCAQMHSNNGPQIGSAVGCNPDVDWQRFGTHFAQYRNVWDVD
YSAFDANHCSDAMNIMFEEVFRTEFGFHPNAEWILKTLVNTEHAYENKRITVEGGMPSGCSATSIINTILNNIYVLYALR
RHYEGVELDTYTMISYGDDIVVASDYDLDFEALKPHFKSLGQTITPADKSDKGFVLGHSITDVTFLKRHFHMDYGTGFYK
PVMASKTLEAILSFARRGTIQEKLISVAGLAVHSGPDEYRRLFEPFQGLFEIPSYRSLYLRWVNAVCGDAAAAKEHHHHH
H
;
A,B
2 'polypeptide(L)' GPYAGPLERQRPLKVRAKLPRQE C
#
# COMPACT_ATOMS: atom_id res chain seq x y z
N GLY A 1 9.06 -14.75 -33.80
CA GLY A 1 8.73 -14.06 -35.08
C GLY A 1 7.52 -14.68 -35.77
N LEU A 2 7.16 -14.15 -36.94
CA LEU A 2 6.02 -14.63 -37.77
C LEU A 2 6.58 -15.48 -38.92
N ILE A 3 6.18 -16.74 -39.00
CA ILE A 3 6.47 -17.64 -40.16
C ILE A 3 5.53 -17.20 -41.29
N VAL A 4 6.08 -16.61 -42.35
CA VAL A 4 5.30 -16.04 -43.49
C VAL A 4 5.35 -16.99 -44.69
N ASP A 5 6.21 -18.02 -44.67
CA ASP A 5 6.27 -19.05 -45.74
C ASP A 5 7.02 -20.29 -45.25
N THR A 6 6.51 -21.48 -45.62
CA THR A 6 7.15 -22.80 -45.43
C THR A 6 7.01 -23.59 -46.73
N ARG A 7 8.13 -23.85 -47.42
CA ARG A 7 8.17 -24.57 -48.73
C ARG A 7 9.18 -25.72 -48.63
N ASP A 8 9.00 -26.74 -49.49
CA ASP A 8 9.93 -27.89 -49.66
C ASP A 8 10.88 -27.59 -50.82
N VAL A 9 12.14 -28.03 -50.72
CA VAL A 9 13.19 -27.87 -51.78
C VAL A 9 13.93 -29.20 -51.97
N GLU A 10 14.73 -29.29 -53.03
CA GLU A 10 15.50 -30.50 -53.45
C GLU A 10 16.53 -30.86 -52.39
N GLU A 11 17.52 -29.98 -52.17
CA GLU A 11 18.72 -30.24 -51.35
C GLU A 11 18.34 -30.27 -49.86
N ARG A 12 18.40 -31.46 -49.25
CA ARG A 12 18.11 -31.69 -47.81
C ARG A 12 19.30 -31.22 -46.97
N VAL A 13 19.05 -30.41 -45.94
CA VAL A 13 20.04 -29.98 -44.91
C VAL A 13 19.91 -30.95 -43.72
N HIS A 14 20.77 -31.98 -43.66
CA HIS A 14 20.67 -33.10 -42.69
C HIS A 14 20.93 -32.58 -41.27
N VAL A 15 20.35 -33.27 -40.28
CA VAL A 15 20.38 -32.92 -38.83
C VAL A 15 20.90 -34.14 -38.06
N MET A 16 21.74 -33.92 -37.03
CA MET A 16 22.22 -34.98 -36.11
C MET A 16 21.02 -35.49 -35.30
N ARG A 17 20.74 -36.80 -35.35
CA ARG A 17 19.53 -37.44 -34.76
C ARG A 17 19.91 -38.35 -33.60
N LYS A 18 21.20 -38.43 -33.24
CA LYS A 18 21.72 -39.25 -32.11
C LYS A 18 22.53 -38.35 -31.17
N THR A 19 22.24 -38.40 -29.86
CA THR A 19 22.98 -37.64 -28.82
C THR A 19 24.39 -38.23 -28.69
N LYS A 20 25.38 -37.37 -28.39
CA LYS A 20 26.77 -37.78 -28.06
C LYS A 20 26.97 -37.79 -26.54
N LEU A 21 25.95 -37.40 -25.78
CA LEU A 21 26.00 -37.26 -24.29
C LEU A 21 25.59 -38.57 -23.64
N ALA A 22 26.57 -39.39 -23.24
CA ALA A 22 26.39 -40.71 -22.60
C ALA A 22 26.41 -40.55 -21.08
N PRO A 23 25.68 -41.41 -20.31
CA PRO A 23 25.73 -41.36 -18.86
C PRO A 23 27.13 -41.68 -18.31
N THR A 24 27.53 -40.98 -17.24
CA THR A 24 28.80 -41.21 -16.48
C THR A 24 28.52 -42.09 -15.25
N VAL A 25 29.56 -42.43 -14.50
CA VAL A 25 29.46 -43.16 -13.21
C VAL A 25 28.52 -42.41 -12.25
N ALA A 26 28.46 -41.07 -12.33
CA ALA A 26 27.66 -40.21 -11.43
C ALA A 26 26.15 -40.43 -11.66
N HIS A 27 25.73 -40.78 -12.88
CA HIS A 27 24.30 -40.93 -13.25
C HIS A 27 23.59 -41.91 -12.31
N GLY A 28 24.21 -43.07 -12.06
CA GLY A 28 23.68 -44.14 -11.19
C GLY A 28 23.58 -43.73 -9.73
N VAL A 29 24.39 -42.74 -9.30
CA VAL A 29 24.41 -42.22 -7.89
C VAL A 29 23.33 -41.15 -7.73
N PHE A 30 23.27 -40.17 -8.64
CA PHE A 30 22.41 -38.97 -8.51
C PHE A 30 21.02 -39.21 -9.13
N ASN A 31 20.92 -40.09 -10.13
CA ASN A 31 19.64 -40.40 -10.83
C ASN A 31 18.93 -39.08 -11.14
N PRO A 32 19.57 -38.17 -11.91
CA PRO A 32 19.06 -36.82 -12.09
C PRO A 32 17.77 -36.79 -12.92
N GLU A 33 16.86 -35.87 -12.59
CA GLU A 33 15.60 -35.61 -13.35
C GLU A 33 15.95 -34.71 -14.55
N PHE A 34 17.02 -35.08 -15.24
CA PHE A 34 17.59 -34.40 -16.43
C PHE A 34 18.02 -35.47 -17.43
N GLY A 35 18.05 -35.13 -18.71
CA GLY A 35 18.52 -36.03 -19.78
C GLY A 35 18.80 -35.27 -21.06
N PRO A 36 19.41 -35.92 -22.07
CA PRO A 36 19.66 -35.28 -23.35
C PRO A 36 18.33 -34.88 -24.01
N ALA A 37 18.25 -33.68 -24.58
CA ALA A 37 17.12 -33.23 -25.42
C ALA A 37 16.87 -34.28 -26.51
N ALA A 38 15.60 -34.53 -26.83
CA ALA A 38 15.19 -35.37 -27.99
C ALA A 38 15.72 -34.72 -29.26
N LEU A 39 16.41 -35.49 -30.11
CA LEU A 39 16.94 -35.02 -31.41
C LEU A 39 16.18 -35.66 -32.57
N SER A 40 15.30 -36.62 -32.27
CA SER A 40 14.50 -37.39 -33.26
C SER A 40 13.01 -37.34 -32.87
N ASN A 41 12.13 -37.26 -33.87
CA ASN A 41 10.65 -37.31 -33.70
C ASN A 41 10.25 -38.68 -33.13
N LYS A 42 11.11 -39.69 -33.30
CA LYS A 42 10.87 -41.10 -32.92
C LYS A 42 11.39 -41.38 -31.50
N ASP A 43 11.95 -40.39 -30.81
CA ASP A 43 12.45 -40.53 -29.41
C ASP A 43 11.29 -41.04 -28.55
N PRO A 44 11.43 -42.23 -27.91
CA PRO A 44 10.31 -42.82 -27.17
C PRO A 44 9.99 -42.13 -25.84
N ARG A 45 10.83 -41.20 -25.39
CA ARG A 45 10.69 -40.47 -24.11
C ARG A 45 9.67 -39.32 -24.26
N LEU A 46 9.39 -38.91 -25.50
CA LEU A 46 8.47 -37.78 -25.81
C LEU A 46 7.05 -38.16 -25.37
N ASN A 47 6.33 -37.20 -24.78
CA ASN A 47 4.91 -37.36 -24.35
C ASN A 47 4.03 -37.61 -25.58
N GLU A 48 2.91 -38.31 -25.37
CA GLU A 48 1.88 -38.54 -26.42
C GLU A 48 1.44 -37.17 -26.96
N GLY A 49 1.39 -37.02 -28.29
CA GLY A 49 0.93 -35.80 -28.99
C GLY A 49 2.07 -34.86 -29.34
N VAL A 50 3.30 -35.12 -28.89
CA VAL A 50 4.48 -34.26 -29.16
C VAL A 50 5.03 -34.60 -30.55
N VAL A 51 5.00 -33.63 -31.46
CA VAL A 51 5.69 -33.69 -32.79
C VAL A 51 6.89 -32.76 -32.71
N LEU A 52 8.10 -33.33 -32.62
CA LEU A 52 9.35 -32.58 -32.32
C LEU A 52 9.53 -31.46 -33.35
N ASP A 53 9.35 -31.77 -34.64
CA ASP A 53 9.56 -30.85 -35.79
C ASP A 53 8.63 -29.63 -35.66
N GLU A 54 7.47 -29.77 -35.02
CA GLU A 54 6.49 -28.68 -34.82
C GLU A 54 6.85 -27.87 -33.58
N VAL A 55 7.06 -28.54 -32.44
CA VAL A 55 7.34 -27.90 -31.12
C VAL A 55 8.56 -26.97 -31.24
N ILE A 56 9.60 -27.38 -31.96
CA ILE A 56 10.90 -26.63 -32.03
C ILE A 56 10.70 -25.27 -32.72
N PHE A 57 9.62 -25.11 -33.51
CA PHE A 57 9.29 -23.85 -34.24
C PHE A 57 8.05 -23.17 -33.64
N SER A 58 7.46 -23.73 -32.58
CA SER A 58 6.21 -23.22 -31.94
C SER A 58 6.46 -21.87 -31.27
N LYS A 59 7.71 -21.51 -30.98
CA LYS A 59 8.12 -20.21 -30.38
C LYS A 59 7.76 -19.06 -31.34
N HIS A 60 7.67 -19.32 -32.64
CA HIS A 60 7.29 -18.33 -33.69
C HIS A 60 5.76 -18.15 -33.67
N LYS A 61 5.28 -17.22 -32.84
CA LYS A 61 3.84 -16.97 -32.58
C LYS A 61 3.40 -15.62 -33.14
N GLY A 62 4.29 -14.92 -33.86
CA GLY A 62 3.98 -13.66 -34.55
C GLY A 62 5.06 -12.60 -34.37
N ASP A 63 4.88 -11.47 -35.05
CA ASP A 63 5.81 -10.31 -35.06
C ASP A 63 4.99 -9.07 -34.70
N THR A 64 5.00 -8.67 -33.42
CA THR A 64 4.15 -7.58 -32.87
C THR A 64 4.40 -6.31 -33.66
N LYS A 65 3.36 -5.76 -34.31
CA LYS A 65 3.40 -4.42 -34.96
C LYS A 65 3.10 -3.39 -33.87
N MET A 66 4.12 -2.63 -33.45
CA MET A 66 4.02 -1.66 -32.34
C MET A 66 3.25 -0.42 -32.82
N SER A 67 2.52 0.23 -31.92
CA SER A 67 1.75 1.48 -32.20
C SER A 67 2.73 2.62 -32.52
N ALA A 68 2.25 3.68 -33.15
CA ALA A 68 3.01 4.91 -33.46
C ALA A 68 3.61 5.46 -32.16
N GLU A 69 2.78 5.59 -31.12
CA GLU A 69 3.16 6.08 -29.77
C GLU A 69 4.33 5.24 -29.23
N ASP A 70 4.21 3.91 -29.30
CA ASP A 70 5.15 2.95 -28.67
C ASP A 70 6.49 2.96 -29.42
N LYS A 71 6.47 3.04 -30.75
CA LYS A 71 7.70 3.12 -31.58
C LYS A 71 8.45 4.42 -31.25
N ALA A 72 7.72 5.52 -31.01
CA ALA A 72 8.32 6.83 -30.66
C ALA A 72 8.97 6.73 -29.26
N LEU A 73 8.25 6.15 -28.29
CA LEU A 73 8.78 5.90 -26.92
C LEU A 73 10.01 4.99 -27.00
N PHE A 74 9.91 3.90 -27.75
CA PHE A 74 11.00 2.90 -27.89
C PHE A 74 12.24 3.58 -28.49
N ARG A 75 12.05 4.43 -29.50
CA ARG A 75 13.17 5.11 -30.21
C ARG A 75 13.91 6.03 -29.22
N ARG A 76 13.18 6.81 -28.43
CA ARG A 76 13.80 7.76 -27.45
C ARG A 76 14.49 6.94 -26.35
N CYS A 77 13.95 5.79 -25.95
CA CYS A 77 14.58 4.88 -24.95
C CYS A 77 15.87 4.28 -25.52
N ALA A 78 15.85 3.82 -26.77
CA ALA A 78 17.03 3.27 -27.48
C ALA A 78 18.12 4.36 -27.59
N ALA A 79 17.72 5.59 -27.94
CA ALA A 79 18.64 6.75 -28.06
C ALA A 79 19.24 7.08 -26.69
N ASP A 80 18.45 7.05 -25.62
CA ASP A 80 18.92 7.36 -24.24
C ASP A 80 19.93 6.30 -23.81
N TYR A 81 19.64 5.03 -24.07
CA TYR A 81 20.55 3.91 -23.70
C TYR A 81 21.85 4.04 -24.52
N ALA A 82 21.73 4.30 -25.83
CA ALA A 82 22.88 4.49 -26.75
C ALA A 82 23.78 5.63 -26.24
N SER A 83 23.18 6.75 -25.83
CA SER A 83 23.91 7.92 -25.26
C SER A 83 24.75 7.46 -24.06
N ARG A 84 24.13 6.72 -23.13
CA ARG A 84 24.82 6.16 -21.94
C ARG A 84 25.96 5.25 -22.40
N LEU A 85 25.64 4.30 -23.29
CA LEU A 85 26.60 3.30 -23.81
C LEU A 85 27.82 4.00 -24.40
N HIS A 86 27.60 4.91 -25.36
CA HIS A 86 28.68 5.56 -26.14
C HIS A 86 29.43 6.59 -25.27
N SER A 87 28.79 7.10 -24.20
CA SER A 87 29.46 7.98 -23.20
C SER A 87 30.48 7.17 -22.39
N VAL A 88 30.15 5.94 -21.98
CA VAL A 88 31.05 5.06 -21.18
C VAL A 88 32.15 4.49 -22.09
N LEU A 89 31.79 4.00 -23.29
CA LEU A 89 32.70 3.24 -24.18
C LEU A 89 33.53 4.17 -25.05
N GLY A 90 33.05 5.39 -25.33
CA GLY A 90 33.60 6.27 -26.38
C GLY A 90 33.00 5.92 -27.74
N THR A 91 33.50 6.55 -28.81
CA THR A 91 32.94 6.43 -30.19
C THR A 91 34.05 6.02 -31.18
N ALA A 92 35.08 5.31 -30.71
CA ALA A 92 36.13 4.69 -31.55
C ALA A 92 35.60 3.33 -32.02
N ASN A 93 34.64 3.35 -32.94
CA ASN A 93 33.86 2.17 -33.38
C ASN A 93 34.20 1.84 -34.84
N ALA A 94 35.37 2.28 -35.31
CA ALA A 94 35.91 2.02 -36.65
C ALA A 94 35.89 0.51 -36.92
N PRO A 95 35.68 0.08 -38.18
CA PRO A 95 35.65 -1.35 -38.48
C PRO A 95 36.97 -2.04 -38.12
N LEU A 96 36.89 -3.30 -37.68
CA LEU A 96 38.08 -4.19 -37.58
C LEU A 96 38.52 -4.55 -39.00
N SER A 97 39.82 -4.67 -39.22
CA SER A 97 40.42 -5.27 -40.44
C SER A 97 39.95 -6.72 -40.53
N ILE A 98 40.03 -7.32 -41.72
CA ILE A 98 39.73 -8.77 -41.93
C ILE A 98 40.58 -9.56 -40.91
N TYR A 99 41.86 -9.23 -40.80
CA TYR A 99 42.84 -9.90 -39.90
C TYR A 99 42.36 -9.83 -38.45
N GLU A 100 41.98 -8.64 -37.98
CA GLU A 100 41.48 -8.42 -36.58
C GLU A 100 40.19 -9.22 -36.35
N ALA A 101 39.29 -9.24 -37.34
CA ALA A 101 37.98 -9.92 -37.25
C ALA A 101 38.17 -11.43 -37.10
N ILE A 102 39.17 -12.00 -37.77
CA ILE A 102 39.49 -13.46 -37.72
C ILE A 102 40.24 -13.76 -36.42
N LYS A 103 41.30 -13.01 -36.12
CA LYS A 103 42.29 -13.30 -35.05
C LYS A 103 41.80 -12.80 -33.69
N GLY A 104 40.86 -11.84 -33.70
CA GLY A 104 40.37 -11.17 -32.48
C GLY A 104 41.27 -10.02 -32.08
N VAL A 105 40.83 -9.25 -31.09
CA VAL A 105 41.57 -8.09 -30.48
C VAL A 105 41.39 -8.20 -28.97
N ASP A 106 41.97 -7.26 -28.22
N ASP A 106 41.96 -7.25 -28.21
CA ASP A 106 41.76 -7.12 -26.75
CA ASP A 106 41.77 -7.16 -26.75
C ASP A 106 40.25 -7.05 -26.49
C ASP A 106 40.27 -7.04 -26.44
N GLY A 107 39.69 -8.06 -25.81
CA GLY A 107 38.26 -8.09 -25.42
C GLY A 107 37.38 -8.84 -26.40
N LEU A 108 37.95 -9.38 -27.49
CA LEU A 108 37.19 -10.18 -28.49
C LEU A 108 38.00 -11.42 -28.88
N ASP A 109 37.48 -12.60 -28.53
CA ASP A 109 38.10 -13.91 -28.84
C ASP A 109 38.21 -14.07 -30.36
N ALA A 110 39.23 -14.79 -30.82
CA ALA A 110 39.42 -15.21 -32.23
C ALA A 110 38.19 -15.98 -32.70
N MET A 111 37.95 -16.01 -34.01
CA MET A 111 36.94 -16.89 -34.64
C MET A 111 37.42 -18.35 -34.53
N GLU A 112 36.47 -19.27 -34.41
CA GLU A 112 36.69 -20.73 -34.23
C GLU A 112 37.04 -21.35 -35.58
N PRO A 113 38.23 -21.97 -35.74
CA PRO A 113 38.67 -22.48 -37.04
C PRO A 113 37.89 -23.67 -37.61
N ASP A 114 37.18 -24.45 -36.78
CA ASP A 114 36.59 -25.75 -37.22
C ASP A 114 35.18 -25.96 -36.65
N THR A 115 34.43 -24.89 -36.36
CA THR A 115 32.97 -24.94 -36.10
C THR A 115 32.24 -24.94 -37.46
N ALA A 116 30.93 -25.16 -37.45
CA ALA A 116 30.08 -25.22 -38.67
C ALA A 116 30.27 -23.97 -39.52
N PRO A 117 30.49 -24.09 -40.84
CA PRO A 117 30.65 -22.92 -41.71
C PRO A 117 29.33 -22.28 -42.16
N GLY A 118 28.20 -22.96 -41.96
CA GLY A 118 26.87 -22.52 -42.43
C GLY A 118 26.71 -22.79 -43.92
N LEU A 119 25.64 -22.24 -44.51
CA LEU A 119 25.25 -22.47 -45.92
C LEU A 119 25.80 -21.34 -46.80
N PRO A 120 26.10 -21.60 -48.09
CA PRO A 120 25.85 -22.90 -48.72
C PRO A 120 26.97 -23.94 -48.53
N TRP A 121 28.01 -23.61 -47.76
CA TRP A 121 29.29 -24.38 -47.69
C TRP A 121 29.04 -25.81 -47.19
N ALA A 122 28.12 -25.98 -46.24
CA ALA A 122 27.77 -27.28 -45.61
C ALA A 122 27.32 -28.27 -46.70
N LEU A 123 26.55 -27.80 -47.70
CA LEU A 123 26.02 -28.63 -48.81
C LEU A 123 27.14 -28.99 -49.80
N GLN A 124 28.16 -28.14 -49.90
CA GLN A 124 29.32 -28.30 -50.82
C GLN A 124 30.40 -29.17 -50.16
N GLY A 125 30.22 -29.55 -48.89
CA GLY A 125 31.16 -30.39 -48.12
C GLY A 125 32.42 -29.62 -47.74
N LYS A 126 32.31 -28.30 -47.56
CA LYS A 126 33.47 -27.41 -47.27
C LYS A 126 33.48 -27.07 -45.78
N ARG A 127 34.66 -27.17 -45.14
CA ARG A 127 34.89 -26.77 -43.73
C ARG A 127 35.34 -25.30 -43.70
N ARG A 128 35.28 -24.66 -42.54
CA ARG A 128 35.70 -23.24 -42.35
C ARG A 128 37.13 -23.07 -42.86
N GLY A 129 38.00 -24.04 -42.55
CA GLY A 129 39.45 -24.02 -42.88
C GLY A 129 39.73 -24.01 -44.37
N ALA A 130 38.77 -24.44 -45.21
CA ALA A 130 38.87 -24.41 -46.69
C ALA A 130 38.52 -23.02 -47.22
N LEU A 131 37.91 -22.16 -46.41
CA LEU A 131 37.37 -20.83 -46.82
C LEU A 131 38.21 -19.69 -46.23
N ILE A 132 38.75 -19.90 -45.03
CA ILE A 132 39.50 -18.86 -44.25
C ILE A 132 40.78 -19.49 -43.71
N ASP A 133 41.87 -18.73 -43.77
CA ASP A 133 43.17 -19.05 -43.12
C ASP A 133 43.14 -18.41 -41.72
N PHE A 134 42.87 -19.20 -40.68
CA PHE A 134 42.68 -18.71 -39.29
C PHE A 134 44.03 -18.39 -38.65
N GLU A 135 45.12 -19.02 -39.10
CA GLU A 135 46.49 -18.80 -38.58
C GLU A 135 47.00 -17.43 -39.07
N ASN A 136 46.83 -17.12 -40.36
CA ASN A 136 47.38 -15.91 -41.02
C ASN A 136 46.33 -14.79 -41.08
N GLY A 137 45.07 -15.08 -40.72
CA GLY A 137 43.98 -14.09 -40.70
C GLY A 137 43.71 -13.50 -42.07
N THR A 138 43.60 -14.37 -43.09
CA THR A 138 43.24 -14.01 -44.48
C THR A 138 42.05 -14.87 -44.93
N VAL A 139 41.33 -14.42 -45.96
CA VAL A 139 40.13 -15.13 -46.51
C VAL A 139 40.45 -15.60 -47.93
N GLY A 140 39.85 -16.73 -48.32
CA GLY A 140 39.93 -17.28 -49.69
C GLY A 140 39.03 -16.49 -50.66
N PRO A 141 39.01 -16.87 -51.95
CA PRO A 141 38.25 -16.11 -52.94
C PRO A 141 36.72 -16.15 -52.72
N GLU A 142 36.19 -17.27 -52.20
CA GLU A 142 34.73 -17.47 -51.96
C GLU A 142 34.24 -16.44 -50.94
N VAL A 143 34.94 -16.32 -49.81
CA VAL A 143 34.58 -15.38 -48.71
C VAL A 143 34.80 -13.94 -49.19
N GLU A 144 35.91 -13.67 -49.88
CA GLU A 144 36.24 -12.30 -50.39
C GLU A 144 35.12 -11.84 -51.34
N ALA A 145 34.63 -12.74 -52.20
CA ALA A 145 33.52 -12.47 -53.15
C ALA A 145 32.26 -12.07 -52.36
N ALA A 146 31.94 -12.81 -51.30
CA ALA A 146 30.77 -12.55 -50.41
C ALA A 146 30.96 -11.21 -49.67
N LEU A 147 32.17 -10.90 -49.20
CA LEU A 147 32.46 -9.62 -48.49
C LEU A 147 32.23 -8.43 -49.44
N LYS A 148 32.56 -8.59 -50.73
CA LYS A 148 32.30 -7.56 -51.78
C LYS A 148 30.78 -7.31 -51.89
N LEU A 149 29.98 -8.37 -51.92
CA LEU A 149 28.50 -8.26 -52.03
C LEU A 149 27.92 -7.57 -50.79
N MET A 150 28.50 -7.82 -49.61
CA MET A 150 28.06 -7.18 -48.34
C MET A 150 28.40 -5.69 -48.37
N GLU A 151 29.58 -5.31 -48.87
CA GLU A 151 29.99 -3.89 -49.05
C GLU A 151 28.94 -3.17 -49.90
N LYS A 152 28.44 -3.83 -50.95
CA LYS A 152 27.45 -3.27 -51.93
C LYS A 152 26.00 -3.54 -51.49
N ARG A 153 25.79 -4.18 -50.33
CA ARG A 153 24.46 -4.49 -49.74
C ARG A 153 23.64 -5.36 -50.68
N GLU A 154 24.27 -6.35 -51.35
CA GLU A 154 23.61 -7.28 -52.29
C GLU A 154 23.71 -8.72 -51.77
N TYR A 155 24.36 -8.95 -50.64
CA TYR A 155 24.57 -10.28 -50.03
C TYR A 155 23.23 -10.82 -49.50
N LYS A 156 22.89 -12.05 -49.87
CA LYS A 156 21.72 -12.81 -49.35
C LYS A 156 22.22 -14.15 -48.79
N PHE A 157 21.50 -14.72 -47.83
CA PHE A 157 21.93 -15.96 -47.13
C PHE A 157 20.73 -16.69 -46.52
N ALA A 158 20.97 -17.96 -46.17
CA ALA A 158 20.07 -18.83 -45.37
C ALA A 158 20.76 -19.15 -44.04
N CYS A 159 19.98 -19.27 -42.97
CA CYS A 159 20.43 -19.79 -41.64
C CYS A 159 20.26 -21.30 -41.63
N GLN A 160 21.26 -22.03 -41.16
CA GLN A 160 21.21 -23.52 -41.05
C GLN A 160 20.73 -23.88 -39.64
N THR A 161 19.60 -24.57 -39.54
CA THR A 161 18.95 -24.97 -38.27
C THR A 161 19.62 -26.25 -37.74
N PHE A 162 20.27 -26.15 -36.57
CA PHE A 162 20.81 -27.29 -35.79
C PHE A 162 19.95 -27.47 -34.53
N LEU A 163 19.56 -28.70 -34.21
CA LEU A 163 19.05 -29.06 -32.87
C LEU A 163 20.24 -29.07 -31.90
N LYS A 164 20.07 -28.46 -30.72
CA LYS A 164 21.16 -28.33 -29.70
C LYS A 164 21.19 -29.61 -28.86
N ASP A 165 22.28 -30.37 -28.98
CA ASP A 165 22.53 -31.61 -28.19
C ASP A 165 23.00 -31.18 -26.81
N GLU A 166 22.13 -31.28 -25.78
CA GLU A 166 22.41 -30.72 -24.43
C GLU A 166 21.49 -31.37 -23.39
N ILE A 167 21.90 -31.31 -22.12
CA ILE A 167 21.13 -31.81 -20.95
C ILE A 167 20.06 -30.77 -20.61
N ARG A 168 18.81 -31.23 -20.47
CA ARG A 168 17.65 -30.39 -20.06
C ARG A 168 16.89 -31.10 -18.94
N PRO A 169 16.10 -30.35 -18.13
CA PRO A 169 15.15 -30.96 -17.21
C PRO A 169 14.25 -31.93 -18.01
N MET A 170 13.94 -33.10 -17.44
CA MET A 170 13.21 -34.18 -18.15
C MET A 170 11.80 -33.72 -18.54
N GLU A 171 11.16 -32.86 -17.75
CA GLU A 171 9.83 -32.26 -18.08
C GLU A 171 9.91 -31.57 -19.45
N LYS A 172 11.01 -30.87 -19.72
CA LYS A 172 11.23 -30.11 -20.98
C LYS A 172 11.58 -31.08 -22.12
N VAL A 173 12.38 -32.11 -21.82
CA VAL A 173 12.77 -33.16 -22.81
C VAL A 173 11.48 -33.83 -23.34
N ARG A 174 10.63 -34.32 -22.44
CA ARG A 174 9.42 -35.11 -22.77
C ARG A 174 8.43 -34.24 -23.55
N ALA A 175 8.42 -32.92 -23.29
CA ALA A 175 7.54 -31.93 -23.97
C ALA A 175 8.09 -31.58 -25.36
N GLY A 176 9.26 -32.10 -25.72
CA GLY A 176 9.91 -31.88 -27.02
C GLY A 176 10.51 -30.48 -27.12
N LYS A 177 10.87 -29.87 -25.98
CA LYS A 177 11.41 -28.49 -25.91
C LYS A 177 12.92 -28.52 -26.17
N THR A 178 13.31 -29.14 -27.28
CA THR A 178 14.70 -29.13 -27.80
C THR A 178 14.96 -27.74 -28.37
N ARG A 179 16.09 -27.13 -27.99
CA ARG A 179 16.46 -25.76 -28.42
C ARG A 179 17.14 -25.84 -29.80
N ILE A 180 17.08 -24.74 -30.56
CA ILE A 180 17.65 -24.63 -31.93
C ILE A 180 18.88 -23.71 -31.86
N VAL A 181 19.93 -24.05 -32.61
CA VAL A 181 21.06 -23.13 -32.95
C VAL A 181 20.90 -22.75 -34.42
N ASP A 182 20.79 -21.44 -34.70
CA ASP A 182 20.78 -20.88 -36.07
C ASP A 182 22.24 -20.61 -36.47
N VAL A 183 22.80 -21.43 -37.36
CA VAL A 183 24.19 -21.26 -37.85
C VAL A 183 24.15 -20.36 -39.09
N LEU A 184 24.79 -19.20 -39.00
CA LEU A 184 24.89 -18.23 -40.11
C LEU A 184 26.16 -18.52 -40.90
N PRO A 185 26.25 -18.09 -42.18
CA PRO A 185 27.47 -18.30 -42.97
C PRO A 185 28.68 -17.67 -42.26
N VAL A 186 29.83 -18.33 -42.32
CA VAL A 186 31.08 -17.87 -41.64
C VAL A 186 31.43 -16.45 -42.11
N GLU A 187 31.18 -16.13 -43.39
CA GLU A 187 31.48 -14.79 -43.97
C GLU A 187 30.57 -13.72 -43.34
N HIS A 188 29.33 -14.08 -42.98
CA HIS A 188 28.36 -13.16 -42.35
C HIS A 188 28.84 -12.81 -40.94
N ILE A 189 29.29 -13.83 -40.20
CA ILE A 189 29.88 -13.69 -38.84
C ILE A 189 31.12 -12.79 -38.94
N LEU A 190 31.99 -13.05 -39.92
CA LEU A 190 33.24 -12.28 -40.15
C LEU A 190 32.90 -10.80 -40.37
N TYR A 191 31.98 -10.49 -41.28
CA TYR A 191 31.63 -9.09 -41.64
C TYR A 191 30.95 -8.39 -40.46
N THR A 192 30.11 -9.10 -39.70
CA THR A 192 29.47 -8.55 -38.48
C THR A 192 30.58 -8.11 -37.51
N ARG A 193 31.58 -8.96 -37.31
CA ARG A 193 32.72 -8.68 -36.40
C ARG A 193 33.53 -7.49 -36.95
N MET A 194 33.70 -7.38 -38.27
CA MET A 194 34.38 -6.21 -38.87
C MET A 194 33.58 -4.94 -38.53
N MET A 195 32.24 -4.98 -38.68
CA MET A 195 31.35 -3.80 -38.53
C MET A 195 31.24 -3.37 -37.06
N ILE A 196 31.09 -4.30 -36.11
CA ILE A 196 30.77 -3.95 -34.69
C ILE A 196 31.70 -4.67 -33.70
N GLY A 197 32.76 -5.33 -34.18
CA GLY A 197 33.71 -6.09 -33.33
C GLY A 197 34.37 -5.21 -32.27
N ARG A 198 34.80 -4.00 -32.64
CA ARG A 198 35.47 -3.06 -31.69
C ARG A 198 34.49 -2.71 -30.56
N PHE A 199 33.24 -2.39 -30.91
CA PHE A 199 32.15 -2.06 -29.97
C PHE A 199 31.91 -3.24 -29.02
N CYS A 200 31.83 -4.47 -29.55
CA CYS A 200 31.64 -5.70 -28.74
C CYS A 200 32.80 -5.86 -27.76
N ALA A 201 34.04 -5.63 -28.23
CA ALA A 201 35.28 -5.71 -27.42
C ALA A 201 35.20 -4.72 -26.24
N GLN A 202 34.77 -3.49 -26.52
CA GLN A 202 34.59 -2.41 -25.52
C GLN A 202 33.49 -2.80 -24.52
N MET A 203 32.37 -3.35 -25.00
CA MET A 203 31.26 -3.85 -24.14
C MET A 203 31.82 -4.90 -23.16
N HIS A 204 32.57 -5.87 -23.67
CA HIS A 204 33.16 -6.97 -22.87
C HIS A 204 34.06 -6.37 -21.78
N SER A 205 34.97 -5.48 -22.18
CA SER A 205 36.00 -4.86 -21.31
C SER A 205 35.37 -3.98 -20.23
N ASN A 206 34.19 -3.41 -20.49
CA ASN A 206 33.51 -2.43 -19.60
C ASN A 206 32.24 -3.05 -18.99
N ASN A 207 32.13 -4.37 -18.97
CA ASN A 207 30.93 -5.08 -18.45
C ASN A 207 30.66 -4.58 -17.03
N GLY A 208 29.38 -4.44 -16.68
CA GLY A 208 28.95 -3.96 -15.35
C GLY A 208 27.58 -3.29 -15.41
N PRO A 209 27.03 -2.87 -14.26
CA PRO A 209 25.73 -2.19 -14.22
C PRO A 209 25.68 -0.84 -14.95
N GLN A 210 26.81 -0.13 -15.08
CA GLN A 210 26.81 1.21 -15.73
C GLN A 210 26.34 1.08 -17.18
N ILE A 211 26.74 0.03 -17.90
CA ILE A 211 26.29 -0.23 -19.30
C ILE A 211 25.19 -1.31 -19.32
N GLY A 212 24.85 -1.87 -18.15
CA GLY A 212 23.76 -2.86 -17.99
C GLY A 212 24.07 -4.20 -18.64
N SER A 213 25.35 -4.54 -18.84
CA SER A 213 25.79 -5.77 -19.55
C SER A 213 26.81 -6.54 -18.71
N ALA A 214 26.59 -7.85 -18.54
CA ALA A 214 27.55 -8.81 -17.94
C ALA A 214 28.23 -9.64 -19.05
N VAL A 215 27.96 -9.37 -20.34
CA VAL A 215 28.59 -10.16 -21.44
C VAL A 215 30.09 -9.94 -21.36
N GLY A 216 30.85 -11.04 -21.32
CA GLY A 216 32.32 -11.02 -21.19
C GLY A 216 32.78 -11.00 -19.74
N CYS A 217 31.86 -11.09 -18.77
CA CYS A 217 32.22 -11.11 -17.32
C CYS A 217 32.88 -12.46 -16.98
N ASN A 218 33.59 -12.47 -15.86
CA ASN A 218 34.17 -13.69 -15.23
C ASN A 218 33.48 -13.86 -13.89
N PRO A 219 32.43 -14.72 -13.78
CA PRO A 219 31.65 -14.83 -12.54
C PRO A 219 32.48 -14.99 -11.25
N ASP A 220 33.58 -15.76 -11.30
CA ASP A 220 34.49 -15.99 -10.14
C ASP A 220 34.94 -14.65 -9.54
N VAL A 221 35.33 -13.69 -10.38
CA VAL A 221 35.88 -12.39 -9.92
C VAL A 221 34.75 -11.34 -9.84
N ASP A 222 33.82 -11.35 -10.79
CA ASP A 222 32.85 -10.23 -10.99
C ASP A 222 31.62 -10.39 -10.10
N TRP A 223 31.38 -11.55 -9.48
CA TRP A 223 30.27 -11.72 -8.52
C TRP A 223 30.45 -10.76 -7.34
N GLN A 224 31.68 -10.53 -6.90
CA GLN A 224 31.99 -9.59 -5.78
C GLN A 224 31.58 -8.15 -6.19
N ARG A 225 31.97 -7.73 -7.39
CA ARG A 225 31.66 -6.38 -7.94
C ARG A 225 30.13 -6.24 -8.11
N PHE A 226 29.48 -7.20 -8.77
CA PHE A 226 28.02 -7.17 -9.05
C PHE A 226 27.22 -7.24 -7.74
N GLY A 227 27.60 -8.16 -6.85
CA GLY A 227 26.94 -8.40 -5.55
C GLY A 227 26.95 -7.15 -4.67
N THR A 228 28.12 -6.54 -4.50
CA THR A 228 28.34 -5.33 -3.66
C THR A 228 27.45 -4.19 -4.18
N HIS A 229 27.33 -4.06 -5.50
CA HIS A 229 26.50 -3.01 -6.17
C HIS A 229 25.04 -3.21 -5.81
N PHE A 230 24.48 -4.39 -6.08
CA PHE A 230 23.04 -4.70 -5.94
C PHE A 230 22.64 -4.79 -4.47
N ALA A 231 23.58 -5.07 -3.57
CA ALA A 231 23.34 -5.19 -2.11
C ALA A 231 22.87 -3.84 -1.53
N GLN A 232 23.13 -2.73 -2.23
CA GLN A 232 22.91 -1.35 -1.71
C GLN A 232 21.47 -0.87 -1.97
N TYR A 233 20.67 -1.63 -2.72
CA TYR A 233 19.32 -1.20 -3.19
C TYR A 233 18.23 -1.88 -2.37
N ARG A 234 17.12 -1.19 -2.14
CA ARG A 234 15.99 -1.65 -1.28
C ARG A 234 15.30 -2.85 -1.94
N ASN A 235 15.11 -2.79 -3.27
CA ASN A 235 14.36 -3.81 -4.05
C ASN A 235 15.26 -4.37 -5.16
N VAL A 236 15.29 -5.70 -5.29
CA VAL A 236 15.95 -6.41 -6.42
C VAL A 236 14.92 -7.35 -7.04
N TRP A 237 14.90 -7.43 -8.38
CA TRP A 237 14.01 -8.33 -9.15
C TRP A 237 14.86 -9.14 -10.14
N ASP A 238 14.63 -10.46 -10.22
CA ASP A 238 15.07 -11.28 -11.39
C ASP A 238 13.83 -11.61 -12.20
N VAL A 239 13.92 -11.39 -13.51
CA VAL A 239 12.79 -11.45 -14.48
C VAL A 239 13.06 -12.60 -15.44
N ASP A 240 12.05 -13.45 -15.67
CA ASP A 240 12.07 -14.53 -16.68
C ASP A 240 11.25 -14.06 -17.89
N TYR A 241 11.81 -14.21 -19.09
CA TYR A 241 11.11 -14.00 -20.39
C TYR A 241 10.76 -15.36 -20.99
N SER A 242 9.67 -15.41 -21.77
CA SER A 242 9.27 -16.57 -22.59
C SER A 242 9.78 -16.38 -24.03
N ALA A 243 10.72 -17.21 -24.47
CA ALA A 243 11.30 -17.21 -25.84
C ALA A 243 11.73 -15.78 -26.20
N PHE A 244 12.59 -15.20 -25.38
CA PHE A 244 13.08 -13.79 -25.51
C PHE A 244 13.50 -13.50 -26.95
N ASP A 245 14.42 -14.30 -27.48
CA ASP A 245 15.08 -14.11 -28.80
C ASP A 245 14.03 -14.13 -29.92
N ALA A 246 13.11 -15.08 -29.88
CA ALA A 246 12.08 -15.28 -30.93
C ALA A 246 11.09 -14.10 -30.94
N ASN A 247 10.88 -13.44 -29.80
CA ASN A 247 9.76 -12.48 -29.60
C ASN A 247 10.25 -11.03 -29.75
N HIS A 248 11.51 -10.79 -30.12
CA HIS A 248 11.97 -9.44 -30.55
C HIS A 248 11.23 -9.08 -31.84
N CYS A 249 10.36 -8.07 -31.81
CA CYS A 249 9.55 -7.68 -32.99
C CYS A 249 10.44 -6.87 -33.95
N SER A 250 10.14 -6.94 -35.25
CA SER A 250 10.86 -6.23 -36.34
C SER A 250 11.06 -4.76 -35.96
N ASP A 251 9.99 -4.11 -35.48
CA ASP A 251 9.98 -2.67 -35.13
C ASP A 251 11.09 -2.38 -34.09
N ALA A 252 11.14 -3.17 -33.01
CA ALA A 252 12.12 -2.98 -31.91
C ALA A 252 13.54 -3.23 -32.41
N MET A 253 13.75 -4.32 -33.16
CA MET A 253 15.08 -4.68 -33.72
C MET A 253 15.56 -3.54 -34.63
N ASN A 254 14.74 -3.13 -35.60
CA ASN A 254 15.08 -2.09 -36.59
C ASN A 254 15.39 -0.77 -35.87
N ILE A 255 14.55 -0.34 -34.93
CA ILE A 255 14.72 0.95 -34.21
C ILE A 255 16.00 0.89 -33.37
N MET A 256 16.25 -0.23 -32.69
CA MET A 256 17.47 -0.39 -31.85
C MET A 256 18.70 -0.29 -32.76
N PHE A 257 18.73 -1.00 -33.88
CA PHE A 257 19.87 -0.99 -34.82
C PHE A 257 20.12 0.45 -35.30
N GLU A 258 19.04 1.18 -35.61
CA GLU A 258 19.09 2.57 -36.12
C GLU A 258 19.67 3.53 -35.09
N GLU A 259 19.35 3.36 -33.79
CA GLU A 259 19.71 4.33 -32.74
C GLU A 259 21.09 4.02 -32.15
N VAL A 260 21.49 2.75 -32.06
CA VAL A 260 22.75 2.36 -31.39
C VAL A 260 23.92 2.45 -32.38
N PHE A 261 23.75 1.99 -33.62
CA PHE A 261 24.88 1.71 -34.56
C PHE A 261 24.98 2.81 -35.62
N ARG A 262 24.88 4.07 -35.19
CA ARG A 262 24.85 5.26 -36.08
C ARG A 262 26.28 5.62 -36.49
N THR A 263 26.43 6.18 -37.70
CA THR A 263 27.74 6.69 -38.21
C THR A 263 28.24 7.80 -37.29
N GLU A 264 27.35 8.58 -36.66
CA GLU A 264 27.74 9.70 -35.77
C GLU A 264 28.38 9.14 -34.49
N PHE A 265 28.21 7.85 -34.19
CA PHE A 265 28.86 7.15 -33.04
C PHE A 265 30.10 6.38 -33.52
N GLY A 266 30.54 6.61 -34.76
CA GLY A 266 31.84 6.14 -35.29
C GLY A 266 31.75 4.81 -36.01
N PHE A 267 30.54 4.29 -36.25
CA PHE A 267 30.34 2.99 -36.96
C PHE A 267 30.42 3.22 -38.47
N HIS A 268 30.99 2.25 -39.18
CA HIS A 268 30.84 2.08 -40.64
C HIS A 268 29.35 2.07 -40.98
N PRO A 269 28.91 2.70 -42.09
CA PRO A 269 27.50 2.69 -42.49
C PRO A 269 26.85 1.31 -42.57
N ASN A 270 27.63 0.25 -42.84
CA ASN A 270 27.09 -1.13 -43.05
C ASN A 270 26.93 -1.87 -41.71
N ALA A 271 27.28 -1.25 -40.58
CA ALA A 271 26.97 -1.80 -39.23
C ALA A 271 25.46 -1.96 -39.10
N GLU A 272 24.70 -0.88 -39.32
CA GLU A 272 23.22 -0.92 -39.27
C GLU A 272 22.71 -1.96 -40.28
N TRP A 273 23.27 -1.95 -41.50
CA TRP A 273 22.76 -2.81 -42.61
C TRP A 273 22.92 -4.29 -42.26
N ILE A 274 24.11 -4.73 -41.84
CA ILE A 274 24.39 -6.18 -41.62
C ILE A 274 23.52 -6.69 -40.46
N LEU A 275 23.29 -5.88 -39.43
CA LEU A 275 22.41 -6.24 -38.29
C LEU A 275 20.95 -6.36 -38.78
N LYS A 276 20.52 -5.47 -39.66
CA LYS A 276 19.14 -5.47 -40.22
C LYS A 276 18.90 -6.72 -41.07
N THR A 277 19.96 -7.41 -41.53
CA THR A 277 19.83 -8.69 -42.30
C THR A 277 19.28 -9.80 -41.38
N LEU A 278 19.32 -9.61 -40.07
CA LEU A 278 18.89 -10.63 -39.07
C LEU A 278 17.36 -10.61 -38.88
N VAL A 279 16.67 -9.57 -39.36
CA VAL A 279 15.23 -9.33 -39.04
C VAL A 279 14.36 -10.29 -39.86
N ASN A 280 14.54 -10.31 -41.19
CA ASN A 280 13.82 -11.18 -42.16
C ASN A 280 14.77 -12.28 -42.62
N THR A 281 14.60 -13.50 -42.12
CA THR A 281 15.58 -14.61 -42.28
C THR A 281 14.91 -15.83 -42.89
N GLU A 282 15.67 -16.58 -43.70
CA GLU A 282 15.30 -17.90 -44.25
C GLU A 282 16.05 -18.96 -43.45
N HIS A 283 15.34 -19.98 -42.95
CA HIS A 283 15.87 -21.05 -42.08
C HIS A 283 15.78 -22.39 -42.80
N ALA A 284 16.91 -23.06 -43.01
CA ALA A 284 17.01 -24.39 -43.64
C ALA A 284 16.98 -25.47 -42.55
N TYR A 285 15.96 -26.34 -42.59
CA TYR A 285 15.82 -27.51 -41.69
C TYR A 285 15.35 -28.71 -42.53
N GLU A 286 16.21 -29.71 -42.70
CA GLU A 286 15.95 -30.88 -43.58
C GLU A 286 15.61 -30.35 -44.98
N ASN A 287 14.41 -30.68 -45.50
N ASN A 287 14.42 -30.69 -45.49
CA ASN A 287 13.96 -30.27 -46.86
CA ASN A 287 13.92 -30.29 -46.84
C ASN A 287 13.13 -28.98 -46.75
C ASN A 287 13.15 -28.97 -46.76
N LYS A 288 12.93 -28.46 -45.54
CA LYS A 288 12.10 -27.26 -45.28
C LYS A 288 12.96 -25.99 -45.37
N ARG A 289 12.46 -24.97 -46.06
CA ARG A 289 12.96 -23.58 -46.02
C ARG A 289 11.84 -22.72 -45.40
N ILE A 290 12.09 -22.21 -44.19
CA ILE A 290 11.10 -21.48 -43.35
C ILE A 290 11.51 -20.00 -43.32
N THR A 291 10.65 -19.12 -43.85
CA THR A 291 10.87 -17.65 -43.89
C THR A 291 10.22 -17.03 -42.65
N VAL A 292 10.99 -16.33 -41.82
CA VAL A 292 10.55 -15.76 -40.52
C VAL A 292 10.80 -14.25 -40.52
N GLU A 293 9.80 -13.47 -40.12
CA GLU A 293 9.89 -12.00 -39.93
C GLU A 293 9.91 -11.70 -38.43
N GLY A 294 10.95 -10.98 -37.99
CA GLY A 294 11.16 -10.66 -36.56
C GLY A 294 11.90 -11.79 -35.86
N GLY A 295 12.37 -11.52 -34.64
CA GLY A 295 13.16 -12.48 -33.83
C GLY A 295 14.64 -12.39 -34.16
N MET A 296 15.48 -12.58 -33.15
CA MET A 296 16.96 -12.71 -33.31
C MET A 296 17.26 -14.18 -33.58
N PRO A 297 17.99 -14.50 -34.68
CA PRO A 297 18.50 -15.86 -34.88
C PRO A 297 19.41 -16.22 -33.70
N SER A 298 19.18 -17.39 -33.12
CA SER A 298 19.84 -17.87 -31.87
C SER A 298 21.24 -18.42 -32.19
N GLY A 299 22.26 -17.55 -32.12
CA GLY A 299 23.70 -17.93 -32.15
C GLY A 299 24.52 -17.19 -33.19
N CYS A 300 24.08 -16.03 -33.69
CA CYS A 300 24.87 -15.13 -34.57
C CYS A 300 26.04 -14.54 -33.76
N SER A 301 26.99 -13.88 -34.44
CA SER A 301 28.26 -13.35 -33.85
C SER A 301 27.98 -12.56 -32.57
N ALA A 302 26.97 -11.69 -32.59
CA ALA A 302 26.70 -10.69 -31.53
C ALA A 302 25.34 -10.94 -30.88
N THR A 303 24.83 -12.19 -30.89
CA THR A 303 23.49 -12.54 -30.37
C THR A 303 23.37 -12.10 -28.90
N SER A 304 24.32 -12.49 -28.05
CA SER A 304 24.33 -12.15 -26.60
C SER A 304 24.32 -10.63 -26.43
N ILE A 305 25.18 -9.90 -27.14
CA ILE A 305 25.29 -8.42 -27.04
C ILE A 305 23.98 -7.77 -27.51
N ILE A 306 23.45 -8.20 -28.65
CA ILE A 306 22.18 -7.65 -29.22
C ILE A 306 21.03 -7.89 -28.24
N ASN A 307 20.90 -9.11 -27.72
CA ASN A 307 19.86 -9.48 -26.72
C ASN A 307 20.00 -8.60 -25.47
N THR A 308 21.23 -8.42 -24.98
CA THR A 308 21.52 -7.61 -23.78
C THR A 308 21.07 -6.16 -24.01
N ILE A 309 21.44 -5.56 -25.15
CA ILE A 309 21.08 -4.16 -25.50
C ILE A 309 19.54 -4.04 -25.48
N LEU A 310 18.84 -4.97 -26.13
CA LEU A 310 17.36 -4.93 -26.22
C LEU A 310 16.76 -5.03 -24.81
N ASN A 311 17.33 -5.89 -23.96
CA ASN A 311 16.85 -6.11 -22.57
C ASN A 311 16.92 -4.78 -21.80
N ASN A 312 18.03 -4.05 -21.95
CA ASN A 312 18.24 -2.72 -21.28
C ASN A 312 17.17 -1.75 -21.76
N ILE A 313 16.92 -1.69 -23.07
CA ILE A 313 15.95 -0.72 -23.67
C ILE A 313 14.53 -1.12 -23.24
N TYR A 314 14.23 -2.42 -23.17
CA TYR A 314 12.89 -2.95 -22.78
C TYR A 314 12.51 -2.47 -21.38
N VAL A 315 13.45 -2.49 -20.44
CA VAL A 315 13.21 -2.08 -19.03
C VAL A 315 12.92 -0.57 -18.97
N LEU A 316 13.72 0.25 -19.66
CA LEU A 316 13.52 1.72 -19.71
C LEU A 316 12.16 2.04 -20.34
N TYR A 317 11.84 1.37 -21.45
CA TYR A 317 10.56 1.49 -22.21
C TYR A 317 9.38 1.16 -21.29
N ALA A 318 9.39 -0.02 -20.65
CA ALA A 318 8.28 -0.52 -19.80
C ALA A 318 8.04 0.45 -18.64
N LEU A 319 9.09 0.87 -17.96
CA LEU A 319 9.00 1.81 -16.80
C LEU A 319 8.46 3.17 -17.28
N ARG A 320 8.93 3.66 -18.43
CA ARG A 320 8.49 4.96 -18.98
C ARG A 320 7.05 4.86 -19.50
N ARG A 321 6.62 3.69 -19.94
CA ARG A 321 5.23 3.47 -20.45
C ARG A 321 4.25 3.51 -19.28
N HIS A 322 4.69 3.10 -18.08
CA HIS A 322 3.85 3.01 -16.85
C HIS A 322 3.97 4.28 -16.00
N TYR A 323 5.17 4.87 -15.91
CA TYR A 323 5.51 5.94 -14.93
C TYR A 323 5.93 7.23 -15.64
N GLU A 324 5.63 8.37 -15.02
CA GLU A 324 6.20 9.70 -15.35
C GLU A 324 7.56 9.84 -14.68
N GLY A 325 8.51 10.53 -15.33
CA GLY A 325 9.78 10.99 -14.74
C GLY A 325 10.79 9.86 -14.56
N VAL A 326 10.70 8.79 -15.35
CA VAL A 326 11.67 7.65 -15.30
C VAL A 326 12.90 8.01 -16.14
N GLU A 327 14.08 7.86 -15.55
CA GLU A 327 15.40 8.10 -16.18
C GLU A 327 16.30 6.89 -15.90
N LEU A 328 17.47 6.82 -16.52
CA LEU A 328 18.41 5.67 -16.36
C LEU A 328 18.86 5.53 -14.90
N ASP A 329 18.77 6.59 -14.08
CA ASP A 329 19.24 6.56 -12.66
C ASP A 329 18.08 6.23 -11.71
N THR A 330 16.87 6.01 -12.22
CA THR A 330 15.67 5.60 -11.43
C THR A 330 15.87 4.18 -10.90
N TYR A 331 16.62 3.37 -11.63
CA TYR A 331 16.91 1.95 -11.34
C TYR A 331 18.33 1.64 -11.79
N THR A 332 18.81 0.45 -11.46
CA THR A 332 20.08 -0.12 -11.96
C THR A 332 19.78 -1.53 -12.46
N MET A 333 20.52 -2.02 -13.45
CA MET A 333 20.31 -3.40 -13.95
C MET A 333 21.59 -3.92 -14.59
N ILE A 334 21.69 -5.25 -14.66
CA ILE A 334 22.70 -5.96 -15.47
C ILE A 334 21.98 -7.09 -16.19
N SER A 335 22.35 -7.32 -17.45
CA SER A 335 21.72 -8.31 -18.34
C SER A 335 22.81 -9.14 -19.02
N TYR A 336 22.53 -10.42 -19.26
CA TYR A 336 23.30 -11.29 -20.18
C TYR A 336 22.27 -11.99 -21.07
N GLY A 337 22.05 -11.45 -22.27
CA GLY A 337 20.94 -11.88 -23.14
C GLY A 337 19.61 -11.70 -22.43
N ASP A 338 18.82 -12.78 -22.30
CA ASP A 338 17.48 -12.74 -21.68
C ASP A 338 17.59 -12.65 -20.15
N ASP A 339 18.74 -13.04 -19.58
CA ASP A 339 18.97 -13.01 -18.11
C ASP A 339 19.11 -11.55 -17.65
N ILE A 340 18.50 -11.22 -16.52
CA ILE A 340 18.45 -9.82 -16.02
C ILE A 340 18.25 -9.81 -14.51
N VAL A 341 19.00 -8.93 -13.84
CA VAL A 341 18.77 -8.47 -12.44
C VAL A 341 18.49 -6.97 -12.52
N VAL A 342 17.34 -6.52 -12.02
CA VAL A 342 16.99 -5.07 -11.85
C VAL A 342 16.93 -4.77 -10.35
N ALA A 343 17.30 -3.55 -9.96
CA ALA A 343 17.21 -3.07 -8.57
C ALA A 343 16.84 -1.58 -8.57
N SER A 344 16.18 -1.13 -7.50
CA SER A 344 15.79 0.29 -7.29
C SER A 344 15.53 0.52 -5.82
N ASP A 345 15.76 1.75 -5.35
CA ASP A 345 15.36 2.22 -4.00
C ASP A 345 13.86 2.56 -4.03
N TYR A 346 13.28 2.76 -5.22
CA TYR A 346 11.83 2.99 -5.42
C TYR A 346 11.10 1.65 -5.42
N ASP A 347 9.88 1.63 -4.87
CA ASP A 347 8.98 0.45 -4.87
C ASP A 347 8.29 0.37 -6.24
N LEU A 348 9.07 0.03 -7.28
CA LEU A 348 8.58 -0.14 -8.67
C LEU A 348 7.63 -1.34 -8.69
N ASP A 349 6.51 -1.23 -9.42
CA ASP A 349 5.43 -2.24 -9.49
C ASP A 349 5.66 -3.11 -10.73
N PHE A 350 6.49 -4.16 -10.61
CA PHE A 350 6.91 -5.00 -11.75
C PHE A 350 5.73 -5.82 -12.27
N GLU A 351 4.79 -6.19 -11.39
CA GLU A 351 3.54 -6.88 -11.78
C GLU A 351 2.79 -6.01 -12.80
N ALA A 352 2.75 -4.69 -12.57
CA ALA A 352 2.02 -3.71 -13.42
C ALA A 352 2.73 -3.51 -14.77
N LEU A 353 4.01 -3.88 -14.88
CA LEU A 353 4.80 -3.71 -16.13
C LEU A 353 4.48 -4.81 -17.14
N LYS A 354 3.83 -5.90 -16.70
CA LYS A 354 3.53 -7.08 -17.56
C LYS A 354 2.90 -6.64 -18.88
N PRO A 355 1.78 -5.87 -18.89
CA PRO A 355 1.16 -5.45 -20.14
C PRO A 355 2.06 -4.54 -21.00
N HIS A 356 2.97 -3.80 -20.39
CA HIS A 356 3.90 -2.87 -21.09
C HIS A 356 4.95 -3.68 -21.85
N PHE A 357 5.46 -4.77 -21.27
CA PHE A 357 6.35 -5.73 -21.97
C PHE A 357 5.57 -6.41 -23.10
N LYS A 358 4.29 -6.73 -22.88
CA LYS A 358 3.41 -7.39 -23.89
C LYS A 358 3.30 -6.50 -25.14
N SER A 359 3.37 -5.16 -25.00
CA SER A 359 3.27 -4.21 -26.14
C SER A 359 4.50 -4.35 -27.05
N LEU A 360 5.58 -4.97 -26.55
CA LEU A 360 6.83 -5.32 -27.30
C LEU A 360 6.80 -6.78 -27.78
N GLY A 361 5.74 -7.53 -27.45
CA GLY A 361 5.60 -8.96 -27.76
C GLY A 361 6.29 -9.86 -26.75
N GLN A 362 6.74 -9.31 -25.62
CA GLN A 362 7.52 -10.05 -24.59
C GLN A 362 6.63 -10.36 -23.38
N THR A 363 6.74 -11.58 -22.85
CA THR A 363 5.99 -12.08 -21.67
C THR A 363 6.97 -12.21 -20.51
N ILE A 364 6.82 -11.40 -19.45
CA ILE A 364 7.71 -11.48 -18.25
C ILE A 364 6.95 -12.16 -17.11
N THR A 365 7.69 -12.94 -16.32
CA THR A 365 7.21 -13.59 -15.07
C THR A 365 8.35 -13.55 -14.06
N PRO A 366 8.07 -13.66 -12.74
CA PRO A 366 9.13 -13.82 -11.74
C PRO A 366 9.94 -15.09 -12.04
N ALA A 367 11.27 -15.01 -11.92
CA ALA A 367 12.20 -16.15 -12.04
C ALA A 367 11.97 -17.12 -10.87
N ASP A 368 11.49 -16.60 -9.74
CA ASP A 368 11.13 -17.36 -8.51
C ASP A 368 9.69 -17.85 -8.62
N LYS A 369 9.42 -19.09 -8.18
CA LYS A 369 8.08 -19.75 -8.31
C LYS A 369 7.40 -19.81 -6.94
N SER A 370 7.88 -19.05 -5.95
CA SER A 370 7.19 -18.82 -4.65
C SER A 370 5.87 -18.09 -4.91
N ASP A 371 5.84 -17.22 -5.93
CA ASP A 371 4.62 -16.53 -6.43
C ASP A 371 4.73 -16.38 -7.95
N LYS A 372 3.59 -16.37 -8.64
CA LYS A 372 3.48 -16.08 -10.10
C LYS A 372 3.46 -14.56 -10.31
N GLY A 373 3.31 -13.79 -9.23
CA GLY A 373 3.35 -12.31 -9.23
C GLY A 373 4.65 -11.78 -8.64
N PHE A 374 5.11 -10.63 -9.13
CA PHE A 374 6.30 -9.90 -8.61
C PHE A 374 5.96 -9.25 -7.28
N VAL A 375 6.94 -9.15 -6.38
CA VAL A 375 6.79 -8.55 -5.02
C VAL A 375 8.02 -7.69 -4.71
N LEU A 376 7.89 -6.80 -3.73
CA LEU A 376 8.97 -5.90 -3.25
C LEU A 376 9.84 -6.65 -2.23
N GLY A 377 11.02 -6.10 -1.93
CA GLY A 377 11.83 -6.46 -0.74
C GLY A 377 12.75 -7.64 -0.94
N HIS A 378 12.83 -8.20 -2.15
CA HIS A 378 13.85 -9.23 -2.50
C HIS A 378 15.23 -8.55 -2.55
N SER A 379 16.29 -9.31 -2.27
CA SER A 379 17.69 -8.83 -2.21
C SER A 379 18.54 -9.60 -3.23
N ILE A 380 19.80 -9.18 -3.38
CA ILE A 380 20.78 -9.82 -4.31
C ILE A 380 20.99 -11.29 -3.93
N THR A 381 20.76 -11.68 -2.67
CA THR A 381 20.97 -13.07 -2.18
C THR A 381 19.75 -13.95 -2.49
N ASP A 382 18.66 -13.39 -3.05
CA ASP A 382 17.44 -14.15 -3.45
C ASP A 382 17.48 -14.51 -4.94
N VAL A 383 18.23 -13.77 -5.78
CA VAL A 383 18.10 -13.84 -7.26
C VAL A 383 19.04 -14.90 -7.83
N THR A 384 18.70 -15.41 -9.02
CA THR A 384 19.56 -16.26 -9.89
C THR A 384 19.97 -15.40 -11.09
N PHE A 385 21.26 -15.42 -11.44
CA PHE A 385 21.81 -14.76 -12.64
C PHE A 385 22.88 -15.67 -13.25
N LEU A 386 22.75 -16.00 -14.53
CA LEU A 386 23.63 -16.99 -15.22
C LEU A 386 23.62 -18.31 -14.45
N LYS A 387 22.44 -18.72 -13.95
CA LYS A 387 22.19 -19.99 -13.21
C LYS A 387 22.97 -19.99 -11.87
N ARG A 388 23.37 -18.82 -11.38
CA ARG A 388 24.20 -18.70 -10.15
C ARG A 388 23.52 -17.79 -9.13
N HIS A 389 23.49 -18.21 -7.87
CA HIS A 389 23.10 -17.34 -6.72
C HIS A 389 24.30 -16.48 -6.33
N PHE A 390 24.04 -15.39 -5.60
CA PHE A 390 25.04 -14.55 -4.90
C PHE A 390 25.04 -14.98 -3.43
N HIS A 391 26.07 -15.73 -3.03
N HIS A 391 26.09 -15.70 -3.02
CA HIS A 391 26.31 -16.19 -1.63
CA HIS A 391 26.30 -16.19 -1.63
C HIS A 391 27.55 -15.49 -1.08
C HIS A 391 27.57 -15.54 -1.06
N MET A 392 27.50 -15.00 0.16
CA MET A 392 28.67 -14.41 0.84
C MET A 392 29.54 -15.57 1.36
N ASP A 393 30.79 -15.63 0.90
CA ASP A 393 31.79 -16.62 1.37
C ASP A 393 32.17 -16.30 2.82
N TYR A 394 32.13 -17.29 3.71
CA TYR A 394 32.44 -17.16 5.16
C TYR A 394 33.91 -16.78 5.37
N GLY A 395 34.81 -17.32 4.54
CA GLY A 395 36.27 -17.18 4.69
C GLY A 395 36.77 -15.79 4.32
N THR A 396 36.08 -15.07 3.43
CA THR A 396 36.57 -13.82 2.80
C THR A 396 35.58 -12.65 2.95
N GLY A 397 34.28 -12.93 3.04
CA GLY A 397 33.21 -11.93 2.93
C GLY A 397 32.92 -11.54 1.48
N PHE A 398 33.56 -12.21 0.52
CA PHE A 398 33.34 -11.97 -0.94
C PHE A 398 32.09 -12.74 -1.39
N TYR A 399 31.31 -12.15 -2.30
CA TYR A 399 30.24 -12.88 -3.02
C TYR A 399 30.89 -13.91 -3.93
N LYS A 400 30.35 -15.13 -3.95
CA LYS A 400 30.79 -16.22 -4.84
C LYS A 400 29.58 -16.73 -5.62
N PRO A 401 29.76 -17.16 -6.89
CA PRO A 401 28.65 -17.68 -7.69
C PRO A 401 28.35 -19.16 -7.38
N VAL A 402 27.19 -19.43 -6.78
CA VAL A 402 26.78 -20.79 -6.34
C VAL A 402 25.71 -21.33 -7.27
N MET A 403 25.99 -22.48 -7.91
CA MET A 403 25.01 -23.17 -8.77
C MET A 403 24.24 -24.19 -7.94
N ALA A 404 23.00 -24.49 -8.36
CA ALA A 404 22.12 -25.49 -7.72
C ALA A 404 22.80 -26.85 -7.77
N SER A 405 22.84 -27.56 -6.64
CA SER A 405 23.45 -28.92 -6.54
C SER A 405 22.79 -29.86 -7.55
N LYS A 406 21.47 -29.77 -7.74
CA LYS A 406 20.73 -30.67 -8.67
C LYS A 406 21.24 -30.44 -10.10
N THR A 407 21.54 -29.19 -10.47
CA THR A 407 22.10 -28.83 -11.81
C THR A 407 23.52 -29.38 -11.95
N LEU A 408 24.37 -29.21 -10.93
CA LEU A 408 25.78 -29.72 -10.96
C LEU A 408 25.75 -31.25 -11.08
N GLU A 409 24.86 -31.92 -10.36
CA GLU A 409 24.65 -33.38 -10.46
C GLU A 409 24.35 -33.75 -11.92
N ALA A 410 23.42 -33.03 -12.55
CA ALA A 410 22.96 -33.26 -13.94
C ALA A 410 24.14 -33.10 -14.91
N ILE A 411 24.95 -32.03 -14.74
CA ILE A 411 26.12 -31.74 -15.62
C ILE A 411 27.14 -32.89 -15.50
N LEU A 412 27.32 -33.42 -14.29
CA LEU A 412 28.32 -34.48 -13.99
C LEU A 412 27.83 -35.85 -14.46
N SER A 413 26.52 -36.00 -14.69
CA SER A 413 25.84 -37.30 -14.95
C SER A 413 25.95 -37.69 -16.43
N PHE A 414 26.35 -36.77 -17.30
CA PHE A 414 26.46 -37.00 -18.77
C PHE A 414 27.74 -36.35 -19.30
N ALA A 415 28.36 -36.98 -20.31
CA ALA A 415 29.55 -36.45 -21.01
C ALA A 415 29.71 -37.15 -22.37
N ARG A 416 30.26 -36.42 -23.35
CA ARG A 416 30.75 -36.98 -24.64
C ARG A 416 31.88 -37.96 -24.32
N ARG A 417 31.93 -39.11 -24.99
CA ARG A 417 32.94 -40.17 -24.72
C ARG A 417 34.34 -39.56 -24.85
N GLY A 418 35.21 -39.81 -23.86
CA GLY A 418 36.62 -39.36 -23.85
C GLY A 418 36.80 -37.93 -23.36
N THR A 419 35.77 -37.31 -22.77
CA THR A 419 35.83 -35.89 -22.30
C THR A 419 35.61 -35.80 -20.79
N ILE A 420 35.48 -36.92 -20.07
CA ILE A 420 35.06 -36.92 -18.63
C ILE A 420 36.13 -36.22 -17.78
N GLN A 421 37.42 -36.54 -17.96
CA GLN A 421 38.53 -35.94 -17.16
C GLN A 421 38.50 -34.42 -17.33
N GLU A 422 38.47 -33.95 -18.59
CA GLU A 422 38.40 -32.51 -18.96
C GLU A 422 37.18 -31.87 -18.30
N LYS A 423 36.01 -32.50 -18.44
CA LYS A 423 34.72 -31.96 -17.92
C LYS A 423 34.77 -31.85 -16.39
N LEU A 424 35.32 -32.85 -15.70
CA LEU A 424 35.44 -32.85 -14.22
C LEU A 424 36.20 -31.60 -13.76
N ILE A 425 37.34 -31.29 -14.39
CA ILE A 425 38.20 -30.14 -13.99
C ILE A 425 37.41 -28.84 -14.24
N SER A 426 36.70 -28.75 -15.37
CA SER A 426 35.80 -27.61 -15.70
C SER A 426 34.74 -27.45 -14.62
N VAL A 427 33.98 -28.50 -14.32
CA VAL A 427 32.83 -28.45 -13.38
C VAL A 427 33.36 -28.20 -11.95
N ALA A 428 34.56 -28.69 -11.62
CA ALA A 428 35.22 -28.45 -10.32
C ALA A 428 35.25 -26.94 -10.03
N GLY A 429 35.59 -26.12 -11.03
CA GLY A 429 35.62 -24.65 -10.94
C GLY A 429 34.25 -24.06 -10.63
N LEU A 430 33.17 -24.72 -11.03
CA LEU A 430 31.77 -24.30 -10.73
C LEU A 430 31.37 -24.76 -9.32
N ALA A 431 31.74 -26.00 -8.95
CA ALA A 431 31.28 -26.71 -7.75
C ALA A 431 32.00 -26.22 -6.49
N VAL A 432 33.22 -25.66 -6.61
CA VAL A 432 34.00 -25.20 -5.43
C VAL A 432 33.13 -24.27 -4.57
N HIS A 433 32.30 -23.44 -5.20
CA HIS A 433 31.50 -22.39 -4.52
C HIS A 433 30.37 -23.00 -3.68
N SER A 434 30.06 -24.28 -3.86
CA SER A 434 29.05 -25.02 -3.05
C SER A 434 29.62 -25.38 -1.68
N GLY A 435 30.93 -25.20 -1.46
CA GLY A 435 31.58 -25.47 -0.17
C GLY A 435 32.12 -26.90 -0.12
N PRO A 436 32.96 -27.22 0.89
CA PRO A 436 33.74 -28.47 0.88
C PRO A 436 32.93 -29.77 0.97
N ASP A 437 31.83 -29.78 1.74
CA ASP A 437 31.01 -31.00 1.95
C ASP A 437 30.30 -31.34 0.63
N GLU A 438 29.67 -30.36 -0.01
CA GLU A 438 28.92 -30.55 -1.27
C GLU A 438 29.91 -30.88 -2.40
N TYR A 439 31.06 -30.21 -2.44
CA TYR A 439 32.15 -30.49 -3.41
C TYR A 439 32.54 -31.96 -3.33
N ARG A 440 32.80 -32.47 -2.11
CA ARG A 440 33.19 -33.88 -1.86
C ARG A 440 32.09 -34.81 -2.40
N ARG A 441 30.83 -34.55 -2.03
CA ARG A 441 29.66 -35.40 -2.40
C ARG A 441 29.56 -35.45 -3.93
N LEU A 442 29.69 -34.30 -4.61
CA LEU A 442 29.48 -34.19 -6.08
C LEU A 442 30.53 -35.01 -6.83
N PHE A 443 31.76 -35.09 -6.35
CA PHE A 443 32.88 -35.75 -7.07
C PHE A 443 33.14 -37.16 -6.52
N GLU A 444 32.47 -37.57 -5.44
CA GLU A 444 32.72 -38.89 -4.77
C GLU A 444 32.52 -40.03 -5.77
N PRO A 445 31.50 -40.00 -6.66
CA PRO A 445 31.32 -41.08 -7.64
C PRO A 445 32.55 -41.31 -8.54
N PHE A 446 33.38 -40.29 -8.74
CA PHE A 446 34.56 -40.29 -9.65
C PHE A 446 35.87 -40.63 -8.89
N GLN A 447 35.82 -40.75 -7.56
CA GLN A 447 37.04 -40.98 -6.73
C GLN A 447 37.70 -42.31 -7.12
N GLY A 448 38.99 -42.27 -7.44
CA GLY A 448 39.80 -43.45 -7.83
C GLY A 448 39.62 -43.82 -9.30
N LEU A 449 38.79 -43.07 -10.04
CA LEU A 449 38.54 -43.28 -11.50
C LEU A 449 39.14 -42.14 -12.32
N PHE A 450 39.18 -40.91 -11.79
CA PHE A 450 39.70 -39.70 -12.46
C PHE A 450 40.40 -38.78 -11.45
N GLU A 451 41.27 -37.89 -11.95
CA GLU A 451 41.86 -36.79 -11.13
C GLU A 451 40.75 -35.81 -10.76
N ILE A 452 40.58 -35.56 -9.45
CA ILE A 452 39.66 -34.52 -8.90
C ILE A 452 40.52 -33.47 -8.22
N PRO A 453 40.50 -32.20 -8.69
CA PRO A 453 41.29 -31.14 -8.05
C PRO A 453 40.86 -31.05 -6.57
N SER A 454 41.82 -30.84 -5.67
CA SER A 454 41.53 -30.65 -4.23
C SER A 454 40.62 -29.43 -4.09
N TYR A 455 39.64 -29.49 -3.19
CA TYR A 455 38.78 -28.34 -2.85
C TYR A 455 39.69 -27.15 -2.54
N ARG A 456 40.71 -27.37 -1.70
CA ARG A 456 41.60 -26.29 -1.21
C ARG A 456 42.27 -25.58 -2.38
N SER A 457 42.77 -26.32 -3.37
CA SER A 457 43.50 -25.75 -4.54
C SER A 457 42.57 -24.78 -5.29
N LEU A 458 41.33 -25.17 -5.52
CA LEU A 458 40.34 -24.34 -6.27
C LEU A 458 39.87 -23.17 -5.40
N TYR A 459 39.70 -23.38 -4.09
CA TYR A 459 39.28 -22.30 -3.16
C TYR A 459 40.36 -21.21 -3.14
N LEU A 460 41.63 -21.58 -2.94
CA LEU A 460 42.78 -20.63 -2.90
C LEU A 460 42.91 -19.91 -4.25
N ARG A 461 42.75 -20.63 -5.36
CA ARG A 461 42.78 -20.03 -6.73
C ARG A 461 41.72 -18.92 -6.80
N TRP A 462 40.52 -19.19 -6.30
CA TRP A 462 39.38 -18.25 -6.32
C TRP A 462 39.67 -17.02 -5.42
N VAL A 463 40.09 -17.25 -4.18
CA VAL A 463 40.39 -16.15 -3.21
C VAL A 463 41.41 -15.22 -3.86
N ASN A 464 42.48 -15.78 -4.43
CA ASN A 464 43.58 -15.04 -5.09
C ASN A 464 43.03 -14.22 -6.26
N ALA A 465 42.11 -14.78 -7.05
CA ALA A 465 41.51 -14.11 -8.23
C ALA A 465 40.74 -12.87 -7.79
N VAL A 466 39.87 -13.00 -6.78
CA VAL A 466 39.07 -11.85 -6.24
C VAL A 466 40.03 -10.84 -5.59
N CYS A 467 40.97 -11.30 -4.75
CA CYS A 467 41.95 -10.44 -4.03
C CYS A 467 42.85 -9.71 -5.03
N GLY A 468 43.32 -10.41 -6.07
CA GLY A 468 44.14 -9.84 -7.16
C GLY A 468 43.41 -8.71 -7.87
N ASP A 469 42.11 -8.89 -8.12
CA ASP A 469 41.23 -7.88 -8.78
C ASP A 469 41.07 -6.67 -7.86
N ALA A 470 41.01 -6.87 -6.53
CA ALA A 470 40.89 -5.81 -5.51
C ALA A 470 42.24 -5.07 -5.37
N ALA A 471 43.35 -5.81 -5.30
CA ALA A 471 44.72 -5.27 -5.18
C ALA A 471 45.06 -4.41 -6.41
N ALA A 472 44.60 -4.83 -7.59
CA ALA A 472 44.73 -4.09 -8.88
C ALA A 472 44.00 -2.74 -8.77
N ALA A 473 42.75 -2.76 -8.30
CA ALA A 473 41.86 -1.58 -8.15
C ALA A 473 42.52 -0.55 -7.21
N LYS A 474 43.10 -1.00 -6.10
CA LYS A 474 43.82 -0.14 -5.12
C LYS A 474 45.00 0.56 -5.81
N GLY B 1 -12.01 25.87 18.52
CA GLY B 1 -12.18 27.15 17.79
C GLY B 1 -10.98 28.07 17.96
N LEU B 2 -10.96 29.17 17.20
CA LEU B 2 -9.94 30.24 17.32
C LEU B 2 -10.48 31.33 18.26
N ILE B 3 -9.76 31.61 19.35
CA ILE B 3 -9.99 32.83 20.17
C ILE B 3 -9.42 34.02 19.36
N VAL B 4 -10.30 34.84 18.78
CA VAL B 4 -9.93 35.97 17.87
C VAL B 4 -9.78 37.25 18.69
N ASP B 5 -10.35 37.30 19.90
CA ASP B 5 -10.29 38.51 20.78
C ASP B 5 -10.58 38.12 22.23
N THR B 6 -9.84 38.74 23.16
CA THR B 6 -10.08 38.71 24.63
C THR B 6 -9.96 40.14 25.16
N ARG B 7 -10.98 40.64 25.87
CA ARG B 7 -11.00 42.01 26.44
C ARG B 7 -11.68 42.00 27.81
N ASP B 8 -11.24 42.90 28.70
CA ASP B 8 -11.80 43.08 30.06
C ASP B 8 -13.02 43.99 29.98
N VAL B 9 -14.07 43.67 30.75
CA VAL B 9 -15.37 44.39 30.76
C VAL B 9 -15.80 44.57 32.23
N GLU B 10 -16.49 45.68 32.53
CA GLU B 10 -16.83 46.14 33.90
C GLU B 10 -18.08 45.40 34.42
N GLU B 11 -19.07 45.13 33.55
CA GLU B 11 -20.30 44.37 33.93
C GLU B 11 -19.92 42.89 34.12
N ARG B 12 -19.36 42.56 35.30
CA ARG B 12 -18.88 41.20 35.66
C ARG B 12 -20.07 40.31 36.03
N VAL B 13 -19.85 39.00 36.11
CA VAL B 13 -20.92 37.96 36.17
C VAL B 13 -21.06 37.44 37.61
N HIS B 14 -20.04 36.73 38.12
CA HIS B 14 -20.13 35.87 39.33
C HIS B 14 -19.39 36.49 40.53
N VAL B 15 -19.50 35.83 41.70
CA VAL B 15 -18.75 36.16 42.96
C VAL B 15 -17.84 34.96 43.29
N MET B 16 -17.32 34.87 44.52
CA MET B 16 -16.40 33.80 44.98
C MET B 16 -17.16 32.48 45.09
N ARG B 17 -16.71 31.43 44.40
CA ARG B 17 -17.46 30.17 44.15
C ARG B 17 -16.81 29.00 44.89
N LYS B 18 -17.64 28.24 45.64
CA LYS B 18 -17.24 27.03 46.39
C LYS B 18 -18.10 25.85 45.92
N THR B 19 -17.52 24.64 45.90
CA THR B 19 -18.20 23.39 45.47
C THR B 19 -19.36 23.10 46.44
N LYS B 20 -20.47 22.57 45.91
CA LYS B 20 -21.61 22.04 46.71
C LYS B 20 -21.37 20.56 47.03
N LEU B 21 -20.36 19.95 46.40
CA LEU B 21 -19.99 18.53 46.59
C LEU B 21 -19.15 18.39 47.86
N ALA B 22 -19.45 17.38 48.67
CA ALA B 22 -18.66 16.98 49.85
C ALA B 22 -18.39 15.48 49.77
N PRO B 23 -17.27 15.00 50.34
CA PRO B 23 -17.03 13.56 50.41
C PRO B 23 -18.13 12.88 51.24
N THR B 24 -18.34 11.58 50.99
CA THR B 24 -19.20 10.68 51.81
C THR B 24 -18.27 9.71 52.56
N VAL B 25 -18.85 8.89 53.44
CA VAL B 25 -18.12 7.82 54.21
C VAL B 25 -17.47 6.83 53.24
N ALA B 26 -17.96 6.73 51.99
CA ALA B 26 -17.37 5.85 50.95
C ALA B 26 -15.97 6.35 50.53
N HIS B 27 -15.72 7.66 50.59
CA HIS B 27 -14.44 8.25 50.12
C HIS B 27 -13.26 7.60 50.84
N GLY B 28 -13.35 7.45 52.16
CA GLY B 28 -12.30 6.87 53.02
C GLY B 28 -12.11 5.39 52.78
N VAL B 29 -13.13 4.70 52.30
CA VAL B 29 -13.07 3.24 51.99
C VAL B 29 -12.47 3.05 50.59
N PHE B 30 -12.93 3.79 49.58
CA PHE B 30 -12.60 3.56 48.14
C PHE B 30 -11.39 4.39 47.70
N ASN B 31 -11.10 5.52 48.35
CA ASN B 31 -9.96 6.43 48.02
C ASN B 31 -9.90 6.65 46.52
N PRO B 32 -10.95 7.20 45.88
CA PRO B 32 -10.97 7.39 44.42
C PRO B 32 -9.95 8.45 43.97
N GLU B 33 -9.37 8.27 42.79
CA GLU B 33 -8.43 9.25 42.17
C GLU B 33 -9.27 10.31 41.44
N PHE B 34 -10.27 10.85 42.14
CA PHE B 34 -11.27 11.83 41.63
C PHE B 34 -11.55 12.83 42.75
N GLY B 35 -11.91 14.06 42.38
CA GLY B 35 -12.29 15.11 43.34
C GLY B 35 -13.08 16.21 42.67
N PRO B 36 -13.71 17.12 43.44
CA PRO B 36 -14.41 18.26 42.87
C PRO B 36 -13.44 19.12 42.03
N ALA B 37 -13.86 19.51 40.83
CA ALA B 37 -13.13 20.48 39.97
C ALA B 37 -12.85 21.74 40.79
N ALA B 38 -11.71 22.40 40.53
CA ALA B 38 -11.37 23.73 41.07
C ALA B 38 -12.37 24.75 40.51
N LEU B 39 -12.99 25.56 41.37
CA LEU B 39 -13.94 26.63 40.98
C LEU B 39 -13.34 28.01 41.25
N SER B 40 -12.13 28.06 41.80
CA SER B 40 -11.39 29.29 42.19
C SER B 40 -9.92 29.15 41.80
N ASN B 41 -9.31 30.25 41.33
CA ASN B 41 -7.88 30.29 40.93
C ASN B 41 -7.00 30.11 42.18
N LYS B 42 -7.56 30.39 43.36
CA LYS B 42 -6.86 30.32 44.68
C LYS B 42 -7.01 28.92 45.31
N ASP B 43 -7.59 27.96 44.60
CA ASP B 43 -7.70 26.56 45.08
C ASP B 43 -6.29 26.02 45.32
N PRO B 44 -5.95 25.58 46.55
CA PRO B 44 -4.58 25.18 46.88
C PRO B 44 -4.15 23.84 46.25
N ARG B 45 -5.09 23.09 45.66
CA ARG B 45 -4.82 21.80 44.97
C ARG B 45 -4.20 22.06 43.58
N LEU B 46 -4.31 23.28 43.05
CA LEU B 46 -3.85 23.63 41.68
C LEU B 46 -2.32 23.58 41.61
N ASN B 47 -1.79 23.02 40.52
CA ASN B 47 -0.34 22.99 40.22
C ASN B 47 0.18 24.41 40.06
N GLU B 48 1.49 24.60 40.24
CA GLU B 48 2.21 25.85 39.92
C GLU B 48 1.99 26.18 38.44
N GLY B 49 1.75 27.45 38.12
CA GLY B 49 1.66 27.96 36.74
C GLY B 49 0.28 27.78 36.15
N VAL B 50 -0.70 27.35 36.95
CA VAL B 50 -2.11 27.18 36.52
C VAL B 50 -2.82 28.53 36.68
N VAL B 51 -3.40 29.03 35.58
CA VAL B 51 -4.34 30.18 35.56
C VAL B 51 -5.70 29.61 35.12
N LEU B 52 -6.58 29.34 36.10
CA LEU B 52 -7.88 28.64 35.90
C LEU B 52 -8.66 29.29 34.75
N ASP B 53 -8.79 30.61 34.76
CA ASP B 53 -9.62 31.36 33.77
C ASP B 53 -9.01 31.27 32.37
N GLU B 54 -7.78 30.77 32.23
CA GLU B 54 -7.13 30.51 30.92
C GLU B 54 -7.30 29.04 30.54
N VAL B 55 -7.01 28.12 31.48
CA VAL B 55 -7.02 26.65 31.21
C VAL B 55 -8.42 26.24 30.73
N ILE B 56 -9.48 26.80 31.30
CA ILE B 56 -10.89 26.46 30.96
C ILE B 56 -11.18 26.73 29.47
N PHE B 57 -10.43 27.62 28.83
CA PHE B 57 -10.60 28.01 27.40
C PHE B 57 -9.48 27.45 26.53
N SER B 58 -8.56 26.65 27.09
CA SER B 58 -7.31 26.19 26.44
C SER B 58 -7.61 25.16 25.34
N LYS B 59 -8.82 24.59 25.31
CA LYS B 59 -9.27 23.64 24.25
C LYS B 59 -9.37 24.37 22.90
N HIS B 60 -9.57 25.70 22.92
CA HIS B 60 -9.67 26.55 21.70
C HIS B 60 -8.26 26.84 21.19
N LYS B 61 -7.78 26.01 20.27
CA LYS B 61 -6.38 26.03 19.75
C LYS B 61 -6.38 26.42 18.26
N GLY B 62 -7.54 26.82 17.72
CA GLY B 62 -7.67 27.23 16.32
C GLY B 62 -8.85 26.55 15.63
N ASP B 63 -9.14 27.02 14.42
CA ASP B 63 -10.31 26.64 13.58
C ASP B 63 -9.75 26.03 12.31
N THR B 64 -9.76 24.69 12.21
CA THR B 64 -9.08 23.93 11.13
C THR B 64 -9.67 24.33 9.77
N LYS B 65 -8.84 24.78 8.85
CA LYS B 65 -9.21 25.02 7.43
C LYS B 65 -9.25 23.67 6.71
N MET B 66 -10.39 23.36 6.09
CA MET B 66 -10.54 22.15 5.25
C MET B 66 -10.31 22.55 3.79
N SER B 67 -9.60 21.70 3.05
CA SER B 67 -9.37 21.86 1.59
C SER B 67 -10.72 21.88 0.86
N ALA B 68 -10.75 22.43 -0.36
CA ALA B 68 -11.94 22.43 -1.24
C ALA B 68 -12.44 21.00 -1.46
N GLU B 69 -11.52 20.05 -1.68
CA GLU B 69 -11.82 18.62 -1.92
C GLU B 69 -12.47 18.01 -0.67
N ASP B 70 -11.92 18.31 0.51
CA ASP B 70 -12.44 17.80 1.81
C ASP B 70 -13.81 18.41 2.11
N LYS B 71 -14.01 19.70 1.83
CA LYS B 71 -15.33 20.38 1.98
C LYS B 71 -16.37 19.67 1.12
N ALA B 72 -16.04 19.40 -0.15
CA ALA B 72 -16.94 18.73 -1.12
C ALA B 72 -17.28 17.33 -0.61
N LEU B 73 -16.28 16.59 -0.12
CA LEU B 73 -16.50 15.22 0.44
C LEU B 73 -17.42 15.34 1.66
N PHE B 74 -17.12 16.28 2.56
CA PHE B 74 -17.90 16.48 3.81
C PHE B 74 -19.36 16.78 3.46
N ARG B 75 -19.60 17.63 2.45
CA ARG B 75 -20.99 18.01 2.05
C ARG B 75 -21.73 16.76 1.55
N ARG B 76 -21.10 15.91 0.74
CA ARG B 76 -21.71 14.64 0.27
C ARG B 76 -22.02 13.73 1.46
N CYS B 77 -21.10 13.62 2.43
CA CYS B 77 -21.26 12.77 3.64
C CYS B 77 -22.41 13.32 4.50
N ALA B 78 -22.47 14.65 4.67
CA ALA B 78 -23.56 15.35 5.40
C ALA B 78 -24.89 15.08 4.71
N ALA B 79 -24.94 15.21 3.37
CA ALA B 79 -26.16 14.98 2.56
C ALA B 79 -26.59 13.52 2.68
N ASP B 80 -25.64 12.58 2.64
CA ASP B 80 -25.91 11.12 2.64
C ASP B 80 -26.47 10.72 4.01
N TYR B 81 -25.90 11.24 5.10
CA TYR B 81 -26.41 10.98 6.47
C TYR B 81 -27.78 11.64 6.64
N ALA B 82 -27.94 12.89 6.21
CA ALA B 82 -29.22 13.64 6.26
C ALA B 82 -30.31 12.82 5.54
N SER B 83 -29.97 12.23 4.39
CA SER B 83 -30.90 11.39 3.58
C SER B 83 -31.42 10.24 4.43
N ARG B 84 -30.52 9.48 5.07
CA ARG B 84 -30.86 8.34 5.96
C ARG B 84 -31.72 8.85 7.13
N LEU B 85 -31.25 9.92 7.78
CA LEU B 85 -31.88 10.50 9.00
C LEU B 85 -33.34 10.88 8.70
N HIS B 86 -33.59 11.66 7.65
CA HIS B 86 -34.95 12.17 7.30
C HIS B 86 -35.80 11.05 6.68
N SER B 87 -35.18 10.03 6.09
CA SER B 87 -35.92 8.81 5.63
C SER B 87 -36.57 8.13 6.83
N VAL B 88 -35.82 7.99 7.93
CA VAL B 88 -36.29 7.31 9.18
C VAL B 88 -37.30 8.22 9.89
N LEU B 89 -36.93 9.49 10.12
CA LEU B 89 -37.72 10.44 10.96
C LEU B 89 -38.93 11.01 10.19
N GLY B 90 -38.85 11.10 8.86
CA GLY B 90 -39.80 11.86 8.03
C GLY B 90 -39.42 13.32 7.95
N THR B 91 -40.33 14.17 7.46
CA THR B 91 -40.06 15.61 7.16
C THR B 91 -41.09 16.51 7.85
N ALA B 92 -41.73 16.02 8.92
CA ALA B 92 -42.69 16.78 9.76
C ALA B 92 -41.90 17.67 10.73
N ASN B 93 -41.29 18.74 10.21
CA ASN B 93 -40.28 19.57 10.91
C ASN B 93 -40.73 21.04 10.96
N ALA B 94 -42.03 21.30 10.72
CA ALA B 94 -42.64 22.65 10.80
C ALA B 94 -42.28 23.28 12.14
N PRO B 95 -42.09 24.62 12.20
CA PRO B 95 -41.76 25.27 13.47
C PRO B 95 -42.83 25.07 14.55
N LEU B 96 -42.39 24.95 15.82
CA LEU B 96 -43.39 24.91 16.91
C LEU B 96 -43.92 26.33 17.16
N SER B 97 -44.99 26.43 17.75
CA SER B 97 -45.50 27.72 18.28
C SER B 97 -44.71 28.07 19.54
N ILE B 98 -44.79 29.33 20.00
CA ILE B 98 -44.17 29.80 21.26
C ILE B 98 -44.67 28.91 22.41
N TYR B 99 -45.99 28.65 22.45
CA TYR B 99 -46.65 27.79 23.46
C TYR B 99 -46.00 26.40 23.48
N GLU B 100 -45.99 25.72 22.33
CA GLU B 100 -45.45 24.34 22.15
C GLU B 100 -43.97 24.31 22.57
N ALA B 101 -43.20 25.33 22.20
CA ALA B 101 -41.74 25.44 22.46
C ALA B 101 -41.48 25.56 23.97
N ILE B 102 -42.32 26.32 24.69
CA ILE B 102 -42.21 26.48 26.17
C ILE B 102 -42.69 25.20 26.86
N LYS B 103 -43.83 24.67 26.43
CA LYS B 103 -44.59 23.58 27.12
C LYS B 103 -44.06 22.20 26.73
N GLY B 104 -43.35 22.10 25.59
CA GLY B 104 -42.87 20.83 25.03
C GLY B 104 -43.99 20.08 24.33
N VAL B 105 -43.65 19.01 23.62
CA VAL B 105 -44.61 18.12 22.90
C VAL B 105 -44.19 16.67 23.17
N ASP B 106 -44.89 15.70 22.57
CA ASP B 106 -44.55 14.25 22.65
C ASP B 106 -43.10 14.08 22.20
N GLY B 107 -42.21 13.72 23.13
CA GLY B 107 -40.78 13.43 22.86
C GLY B 107 -39.87 14.62 23.14
N LEU B 108 -40.42 15.77 23.55
CA LEU B 108 -39.66 16.99 23.92
C LEU B 108 -40.19 17.54 25.25
N ASP B 109 -39.37 17.51 26.29
CA ASP B 109 -39.73 17.98 27.66
C ASP B 109 -39.94 19.50 27.63
N ALA B 110 -40.80 19.99 28.53
CA ALA B 110 -41.06 21.44 28.74
C ALA B 110 -39.74 22.15 29.09
N MET B 111 -39.63 23.43 28.78
CA MET B 111 -38.49 24.28 29.19
C MET B 111 -38.48 24.40 30.71
N GLU B 112 -37.29 24.54 31.31
CA GLU B 112 -37.09 24.67 32.78
C GLU B 112 -37.52 26.05 33.25
N PRO B 113 -38.51 26.18 34.15
CA PRO B 113 -39.02 27.48 34.57
C PRO B 113 -38.03 28.40 35.32
N ASP B 114 -37.03 27.85 36.02
CA ASP B 114 -36.21 28.64 36.99
C ASP B 114 -34.71 28.32 36.87
N THR B 115 -34.25 27.81 35.73
CA THR B 115 -32.79 27.70 35.41
C THR B 115 -32.29 29.07 34.96
N ALA B 116 -30.97 29.20 34.77
CA ALA B 116 -30.28 30.46 34.41
C ALA B 116 -30.91 31.04 33.15
N PRO B 117 -31.27 32.35 33.13
CA PRO B 117 -31.86 32.97 31.94
C PRO B 117 -30.84 33.41 30.87
N GLY B 118 -29.56 33.50 31.23
CA GLY B 118 -28.48 34.01 30.35
C GLY B 118 -28.41 35.53 30.36
N LEU B 119 -27.65 36.10 29.42
CA LEU B 119 -27.35 37.55 29.34
C LEU B 119 -28.28 38.22 28.32
N PRO B 120 -28.63 39.51 28.51
CA PRO B 120 -28.14 40.33 29.61
C PRO B 120 -28.95 40.20 30.92
N TRP B 121 -29.93 39.31 30.94
CA TRP B 121 -30.96 39.18 32.02
C TRP B 121 -30.30 38.95 33.38
N ALA B 122 -29.28 38.09 33.43
CA ALA B 122 -28.52 37.72 34.65
C ALA B 122 -27.96 38.98 35.35
N LEU B 123 -27.42 39.92 34.58
CA LEU B 123 -26.79 41.18 35.10
C LEU B 123 -27.88 42.13 35.64
N GLN B 124 -29.10 42.04 35.08
CA GLN B 124 -30.27 42.88 35.47
C GLN B 124 -31.01 42.23 36.65
N GLY B 125 -30.50 41.13 37.19
CA GLY B 125 -31.09 40.42 38.35
C GLY B 125 -32.42 39.78 38.01
N LYS B 126 -32.65 39.46 36.73
CA LYS B 126 -33.90 38.84 36.23
C LYS B 126 -33.75 37.32 36.25
N ARG B 127 -34.81 36.62 36.68
CA ARG B 127 -34.95 35.14 36.55
C ARG B 127 -35.80 34.88 35.31
N ARG B 128 -35.88 33.62 34.86
CA ARG B 128 -36.63 33.22 33.64
C ARG B 128 -38.12 33.59 33.80
N GLY B 129 -38.64 33.55 35.03
CA GLY B 129 -40.05 33.83 35.36
C GLY B 129 -40.46 35.27 35.06
N ALA B 130 -39.50 36.20 35.09
CA ALA B 130 -39.71 37.64 34.81
C ALA B 130 -39.88 37.88 33.31
N LEU B 131 -39.41 36.95 32.47
CA LEU B 131 -39.35 37.09 30.99
C LEU B 131 -40.43 36.23 30.32
N ILE B 132 -40.69 35.03 30.85
CA ILE B 132 -41.60 34.02 30.26
C ILE B 132 -42.57 33.52 31.35
N ASP B 133 -43.85 33.39 31.01
CA ASP B 133 -44.88 32.70 31.83
C ASP B 133 -44.89 31.22 31.41
N PHE B 134 -44.26 30.35 32.20
CA PHE B 134 -44.06 28.92 31.89
C PHE B 134 -45.36 28.14 32.07
N GLU B 135 -46.23 28.56 33.00
CA GLU B 135 -47.51 27.85 33.27
C GLU B 135 -48.48 28.07 32.10
N ASN B 136 -48.50 29.28 31.53
CA ASN B 136 -49.48 29.70 30.47
C ASN B 136 -48.83 29.65 29.09
N GLY B 137 -47.50 29.51 29.01
CA GLY B 137 -46.74 29.36 27.76
C GLY B 137 -46.79 30.61 26.91
N THR B 138 -46.55 31.78 27.53
CA THR B 138 -46.55 33.11 26.87
C THR B 138 -45.23 33.83 27.20
N VAL B 139 -44.88 34.86 26.44
CA VAL B 139 -43.61 35.64 26.60
C VAL B 139 -43.95 37.12 26.83
N GLY B 140 -43.16 37.79 27.68
CA GLY B 140 -43.21 39.25 27.90
C GLY B 140 -42.63 40.03 26.73
N PRO B 141 -42.60 41.37 26.79
CA PRO B 141 -42.17 42.20 25.66
C PRO B 141 -40.67 42.08 25.33
N GLU B 142 -39.82 41.82 26.33
CA GLU B 142 -38.35 41.67 26.15
C GLU B 142 -38.08 40.50 25.20
N VAL B 143 -38.65 39.33 25.49
CA VAL B 143 -38.48 38.08 24.69
C VAL B 143 -39.17 38.25 23.34
N GLU B 144 -40.37 38.85 23.31
CA GLU B 144 -41.15 39.11 22.07
C GLU B 144 -40.30 39.95 21.10
N ALA B 145 -39.64 41.00 21.60
CA ALA B 145 -38.79 41.92 20.80
C ALA B 145 -37.59 41.15 20.24
N ALA B 146 -36.93 40.33 21.08
CA ALA B 146 -35.78 39.49 20.70
C ALA B 146 -36.19 38.49 19.62
N LEU B 147 -37.37 37.86 19.75
CA LEU B 147 -37.90 36.89 18.76
C LEU B 147 -38.08 37.58 17.40
N LYS B 148 -38.51 38.85 17.40
CA LYS B 148 -38.75 39.63 16.15
C LYS B 148 -37.41 39.93 15.47
N LEU B 149 -36.34 40.17 16.25
CA LEU B 149 -34.97 40.38 15.72
C LEU B 149 -34.45 39.07 15.10
N MET B 150 -34.81 37.92 15.67
CA MET B 150 -34.39 36.58 15.14
C MET B 150 -35.13 36.30 13.82
N GLU B 151 -36.42 36.63 13.74
CA GLU B 151 -37.22 36.55 12.48
C GLU B 151 -36.49 37.32 11.37
N LYS B 152 -35.93 38.49 11.70
CA LYS B 152 -35.22 39.40 10.75
C LYS B 152 -33.74 39.03 10.63
N ARG B 153 -33.26 38.04 11.40
CA ARG B 153 -31.85 37.57 11.43
C ARG B 153 -30.91 38.71 11.84
N GLU B 154 -31.36 39.57 12.76
CA GLU B 154 -30.57 40.71 13.29
C GLU B 154 -30.19 40.46 14.76
N TYR B 155 -30.67 39.36 15.35
CA TYR B 155 -30.45 39.02 16.77
C TYR B 155 -28.96 38.77 17.02
N LYS B 156 -28.38 39.45 18.00
CA LYS B 156 -27.00 39.25 18.50
C LYS B 156 -27.06 38.91 20.00
N PHE B 157 -26.11 38.13 20.49
CA PHE B 157 -26.11 37.63 21.89
C PHE B 157 -24.70 37.25 22.33
N ALA B 158 -24.51 37.17 23.64
CA ALA B 158 -23.33 36.60 24.31
C ALA B 158 -23.74 35.31 25.03
N CYS B 159 -22.83 34.35 25.10
CA CYS B 159 -22.97 33.11 25.93
C CYS B 159 -22.44 33.41 27.33
N GLN B 160 -23.17 32.99 28.37
CA GLN B 160 -22.73 33.14 29.78
C GLN B 160 -22.00 31.85 30.19
N THR B 161 -20.69 31.94 30.44
CA THR B 161 -19.81 30.80 30.78
C THR B 161 -19.86 30.56 32.29
N PHE B 162 -20.24 29.34 32.70
CA PHE B 162 -20.19 28.86 34.10
C PHE B 162 -19.20 27.69 34.19
N LEU B 163 -18.44 27.61 35.28
CA LEU B 163 -17.65 26.41 35.63
C LEU B 163 -18.62 25.28 36.00
N LYS B 164 -18.33 24.05 35.61
CA LYS B 164 -19.11 22.84 35.96
C LYS B 164 -18.66 22.32 37.34
N ASP B 165 -19.51 22.43 38.35
CA ASP B 165 -19.27 21.86 39.71
C ASP B 165 -19.55 20.35 39.61
N GLU B 166 -18.49 19.55 39.51
CA GLU B 166 -18.60 18.09 39.27
C GLU B 166 -17.29 17.40 39.68
N ILE B 167 -17.35 16.07 39.77
CA ILE B 167 -16.17 15.20 40.07
C ILE B 167 -15.36 15.05 38.80
N ARG B 168 -14.03 15.19 38.91
CA ARG B 168 -13.06 15.06 37.79
C ARG B 168 -11.90 14.18 38.25
N PRO B 169 -11.17 13.52 37.32
CA PRO B 169 -9.91 12.88 37.65
C PRO B 169 -8.97 13.89 38.33
N MET B 170 -8.25 13.48 39.38
CA MET B 170 -7.41 14.39 40.20
C MET B 170 -6.33 15.05 39.33
N GLU B 171 -5.84 14.34 38.31
CA GLU B 171 -4.87 14.86 37.31
C GLU B 171 -5.45 16.11 36.64
N LYS B 172 -6.73 16.04 36.25
CA LYS B 172 -7.48 17.14 35.59
C LYS B 172 -7.72 18.27 36.60
N VAL B 173 -8.07 17.92 37.84
CA VAL B 173 -8.34 18.91 38.94
C VAL B 173 -7.09 19.79 39.13
N ARG B 174 -5.93 19.16 39.31
CA ARG B 174 -4.66 19.85 39.65
C ARG B 174 -4.20 20.73 38.47
N ALA B 175 -4.52 20.32 37.24
CA ALA B 175 -4.16 21.02 35.99
C ALA B 175 -5.10 22.20 35.73
N GLY B 176 -6.17 22.35 36.53
CA GLY B 176 -7.18 23.40 36.37
C GLY B 176 -8.09 23.12 35.20
N LYS B 177 -8.21 21.85 34.79
CA LYS B 177 -9.05 21.42 33.65
C LYS B 177 -10.47 21.21 34.15
N THR B 178 -11.05 22.27 34.73
CA THR B 178 -12.47 22.41 35.06
C THR B 178 -13.25 22.57 33.75
N ARG B 179 -14.32 21.81 33.56
CA ARG B 179 -15.17 21.91 32.34
C ARG B 179 -16.12 23.11 32.52
N ILE B 180 -16.60 23.66 31.41
CA ILE B 180 -17.48 24.85 31.42
C ILE B 180 -18.80 24.48 30.73
N VAL B 181 -19.87 25.20 31.07
CA VAL B 181 -21.17 25.14 30.35
C VAL B 181 -21.51 26.56 29.91
N ASP B 182 -21.96 26.70 28.67
CA ASP B 182 -22.45 27.99 28.10
C ASP B 182 -23.96 28.05 28.29
N VAL B 183 -24.42 29.07 29.00
CA VAL B 183 -25.88 29.40 29.11
C VAL B 183 -26.16 30.44 28.02
N LEU B 184 -26.92 30.06 27.00
CA LEU B 184 -27.39 31.00 25.96
C LEU B 184 -28.63 31.70 26.50
N PRO B 185 -28.99 32.88 25.96
CA PRO B 185 -30.20 33.58 26.39
C PRO B 185 -31.44 32.68 26.24
N VAL B 186 -32.37 32.75 27.20
CA VAL B 186 -33.59 31.88 27.22
C VAL B 186 -34.36 32.04 25.90
N GLU B 187 -34.39 33.25 25.32
CA GLU B 187 -35.11 33.52 24.03
C GLU B 187 -34.41 32.79 22.88
N HIS B 188 -33.08 32.61 22.94
CA HIS B 188 -32.30 31.87 21.91
C HIS B 188 -32.65 30.38 21.99
N ILE B 189 -32.69 29.83 23.20
CA ILE B 189 -33.14 28.43 23.47
C ILE B 189 -34.58 28.27 22.98
N LEU B 190 -35.45 29.22 23.30
CA LEU B 190 -36.88 29.24 22.89
C LEU B 190 -36.96 29.12 21.36
N TYR B 191 -36.30 30.03 20.63
CA TYR B 191 -36.38 30.12 19.15
C TYR B 191 -35.75 28.86 18.52
N THR B 192 -34.68 28.33 19.12
CA THR B 192 -34.02 27.08 18.63
C THR B 192 -35.05 25.94 18.72
N ARG B 193 -35.75 25.82 19.85
CA ARG B 193 -36.81 24.80 20.06
C ARG B 193 -37.96 25.04 19.06
N MET B 194 -38.31 26.30 18.78
CA MET B 194 -39.35 26.61 17.76
C MET B 194 -38.89 26.09 16.40
N MET B 195 -37.63 26.32 16.05
CA MET B 195 -37.07 26.02 14.70
C MET B 195 -36.84 24.51 14.50
N ILE B 196 -36.34 23.77 15.50
CA ILE B 196 -35.93 22.34 15.31
C ILE B 196 -36.52 21.44 16.41
N GLY B 197 -37.52 21.91 17.17
CA GLY B 197 -38.13 21.17 18.29
C GLY B 197 -38.80 19.87 17.85
N ARG B 198 -39.58 19.89 16.76
CA ARG B 198 -40.26 18.68 16.23
C ARG B 198 -39.19 17.65 15.82
N PHE B 199 -38.13 18.11 15.15
CA PHE B 199 -36.98 17.27 14.73
C PHE B 199 -36.36 16.59 15.95
N CYS B 200 -36.03 17.36 17.00
CA CYS B 200 -35.39 16.85 18.23
C CYS B 200 -36.29 15.79 18.89
N ALA B 201 -37.60 16.02 18.93
CA ALA B 201 -38.61 15.07 19.47
C ALA B 201 -38.54 13.76 18.68
N GLN B 202 -38.47 13.84 17.35
CA GLN B 202 -38.40 12.64 16.45
C GLN B 202 -37.07 11.91 16.66
N MET B 203 -35.96 12.65 16.83
CA MET B 203 -34.62 12.07 17.15
C MET B 203 -34.73 11.22 18.42
N HIS B 204 -35.30 11.77 19.49
CA HIS B 204 -35.48 11.07 20.80
C HIS B 204 -36.30 9.81 20.60
N SER B 205 -37.44 9.92 19.91
CA SER B 205 -38.43 8.83 19.69
C SER B 205 -37.81 7.69 18.89
N ASN B 206 -36.92 7.99 17.94
CA ASN B 206 -36.37 7.04 16.96
C ASN B 206 -34.90 6.71 17.28
N ASN B 207 -34.45 6.95 18.52
CA ASN B 207 -33.03 6.71 18.90
C ASN B 207 -32.70 5.25 18.61
N GLY B 208 -31.47 5.00 18.13
CA GLY B 208 -30.99 3.66 17.77
C GLY B 208 -29.93 3.72 16.67
N PRO B 209 -29.32 2.56 16.33
CA PRO B 209 -28.26 2.51 15.33
C PRO B 209 -28.67 2.97 13.93
N GLN B 210 -29.96 2.91 13.59
CA GLN B 210 -30.43 3.25 12.21
C GLN B 210 -30.18 4.75 11.95
N ILE B 211 -30.38 5.62 12.94
CA ILE B 211 -30.06 7.07 12.82
C ILE B 211 -28.72 7.37 13.53
N GLY B 212 -28.06 6.35 14.08
CA GLY B 212 -26.73 6.45 14.73
C GLY B 212 -26.74 7.35 15.96
N SER B 213 -27.87 7.46 16.67
CA SER B 213 -28.05 8.37 17.83
C SER B 213 -28.66 7.62 19.01
N ALA B 214 -28.09 7.77 20.20
CA ALA B 214 -28.62 7.23 21.48
C ALA B 214 -29.24 8.34 22.31
N VAL B 215 -29.32 9.57 21.78
CA VAL B 215 -29.89 10.73 22.54
C VAL B 215 -31.36 10.43 22.81
N GLY B 216 -31.77 10.48 24.07
CA GLY B 216 -33.14 10.16 24.53
C GLY B 216 -33.30 8.68 24.90
N CYS B 217 -32.23 7.88 24.86
CA CYS B 217 -32.31 6.43 25.20
C CYS B 217 -32.45 6.25 26.72
N ASN B 218 -32.88 5.05 27.13
CA ASN B 218 -32.93 4.62 28.54
C ASN B 218 -32.06 3.37 28.65
N PRO B 219 -30.80 3.49 29.10
CA PRO B 219 -29.85 2.37 29.09
C PRO B 219 -30.40 1.06 29.69
N ASP B 220 -31.17 1.16 30.77
CA ASP B 220 -31.82 0.00 31.45
C ASP B 220 -32.54 -0.88 30.43
N VAL B 221 -33.35 -0.28 29.56
CA VAL B 221 -34.25 -1.02 28.62
C VAL B 221 -33.59 -1.12 27.24
N ASP B 222 -32.77 -0.14 26.85
CA ASP B 222 -32.27 -0.01 25.45
C ASP B 222 -30.96 -0.78 25.25
N TRP B 223 -30.26 -1.18 26.31
CA TRP B 223 -28.99 -1.95 26.16
C TRP B 223 -29.27 -3.30 25.48
N GLN B 224 -30.45 -3.88 25.69
CA GLN B 224 -30.87 -5.15 25.04
C GLN B 224 -30.93 -4.93 23.52
N ARG B 225 -31.66 -3.88 23.11
CA ARG B 225 -31.81 -3.45 21.69
C ARG B 225 -30.42 -3.20 21.07
N PHE B 226 -29.61 -2.35 21.70
CA PHE B 226 -28.29 -1.94 21.18
C PHE B 226 -27.34 -3.14 21.15
N GLY B 227 -27.30 -3.91 22.24
CA GLY B 227 -26.41 -5.08 22.41
C GLY B 227 -26.68 -6.15 21.37
N THR B 228 -27.96 -6.49 21.15
CA THR B 228 -28.42 -7.48 20.15
C THR B 228 -27.93 -7.05 18.76
N HIS B 229 -28.02 -5.75 18.46
CA HIS B 229 -27.62 -5.19 17.14
C HIS B 229 -26.13 -5.39 16.92
N PHE B 230 -25.28 -4.89 17.84
CA PHE B 230 -23.80 -4.85 17.67
C PHE B 230 -23.19 -6.24 17.79
N ALA B 231 -23.85 -7.18 18.49
CA ALA B 231 -23.38 -8.58 18.65
C ALA B 231 -23.27 -9.27 17.28
N GLN B 232 -23.99 -8.78 16.26
CA GLN B 232 -24.09 -9.43 14.93
C GLN B 232 -22.85 -9.16 14.07
N TYR B 233 -21.97 -8.24 14.46
CA TYR B 233 -20.86 -7.73 13.62
C TYR B 233 -19.52 -8.31 14.08
N ARG B 234 -18.59 -8.52 13.14
CA ARG B 234 -17.29 -9.18 13.37
C ARG B 234 -16.37 -8.29 14.22
N ASN B 235 -16.42 -6.97 13.98
CA ASN B 235 -15.51 -5.99 14.61
C ASN B 235 -16.35 -4.88 15.25
N VAL B 236 -16.03 -4.53 16.49
CA VAL B 236 -16.64 -3.39 17.23
C VAL B 236 -15.49 -2.52 17.76
N TRP B 237 -15.62 -1.19 17.61
CA TRP B 237 -14.65 -0.19 18.09
C TRP B 237 -15.37 0.82 18.99
N ASP B 238 -14.76 1.19 20.12
CA ASP B 238 -15.14 2.39 20.89
C ASP B 238 -14.02 3.41 20.71
N VAL B 239 -14.39 4.64 20.33
CA VAL B 239 -13.44 5.70 19.90
C VAL B 239 -13.53 6.85 20.91
N ASP B 240 -12.35 7.36 21.31
CA ASP B 240 -12.18 8.51 22.22
C ASP B 240 -11.77 9.72 21.37
N TYR B 241 -12.45 10.87 21.54
CA TYR B 241 -12.03 12.17 20.97
C TYR B 241 -11.42 13.03 22.07
N SER B 242 -10.53 13.95 21.69
CA SER B 242 -9.97 15.01 22.56
C SER B 242 -10.66 16.34 22.26
N ALA B 243 -11.44 16.87 23.21
CA ALA B 243 -12.15 18.16 23.11
C ALA B 243 -12.99 18.21 21.82
N PHE B 244 -13.84 17.20 21.64
CA PHE B 244 -14.72 17.00 20.46
C PHE B 244 -15.47 18.31 20.13
N ASP B 245 -16.19 18.85 21.12
CA ASP B 245 -17.07 20.05 20.96
C ASP B 245 -16.25 21.23 20.46
N ALA B 246 -15.12 21.50 21.10
CA ALA B 246 -14.26 22.69 20.86
C ALA B 246 -13.68 22.65 19.43
N ASN B 247 -13.44 21.46 18.88
CA ASN B 247 -12.62 21.26 17.67
C ASN B 247 -13.48 21.06 16.41
N HIS B 248 -14.80 21.14 16.51
CA HIS B 248 -15.69 21.27 15.32
C HIS B 248 -15.26 22.52 14.56
N CYS B 249 -14.73 22.40 13.34
CA CYS B 249 -14.28 23.57 12.55
C CYS B 249 -15.50 24.24 11.89
N SER B 250 -15.39 25.56 11.66
CA SER B 250 -16.45 26.39 11.02
C SER B 250 -16.91 25.75 9.72
N ASP B 251 -15.96 25.29 8.89
CA ASP B 251 -16.23 24.65 7.59
C ASP B 251 -17.21 23.49 7.80
N ALA B 252 -16.91 22.59 8.74
CA ALA B 252 -17.71 21.37 9.05
C ALA B 252 -19.09 21.77 9.59
N MET B 253 -19.13 22.68 10.57
CA MET B 253 -20.39 23.12 11.23
C MET B 253 -21.33 23.74 10.19
N ASN B 254 -20.84 24.69 9.39
CA ASN B 254 -21.65 25.40 8.36
C ASN B 254 -22.20 24.39 7.35
N ILE B 255 -21.37 23.49 6.84
CA ILE B 255 -21.80 22.50 5.82
C ILE B 255 -22.85 21.57 6.44
N MET B 256 -22.63 21.11 7.67
CA MET B 256 -23.58 20.19 8.36
C MET B 256 -24.95 20.89 8.49
N PHE B 257 -24.98 22.14 8.97
CA PHE B 257 -26.23 22.91 9.16
C PHE B 257 -26.95 23.06 7.81
N GLU B 258 -26.19 23.36 6.75
CA GLU B 258 -26.73 23.60 5.38
C GLU B 258 -27.38 22.34 4.81
N GLU B 259 -26.84 21.15 5.11
CA GLU B 259 -27.31 19.90 4.47
C GLU B 259 -28.39 19.23 5.32
N VAL B 260 -28.34 19.35 6.65
CA VAL B 260 -29.28 18.60 7.54
C VAL B 260 -30.58 19.41 7.69
N PHE B 261 -30.52 20.74 7.74
CA PHE B 261 -31.67 21.59 8.15
C PHE B 261 -32.23 22.36 6.95
N ARG B 262 -32.28 21.69 5.79
CA ARG B 262 -32.78 22.27 4.51
C ARG B 262 -34.31 22.42 4.57
N THR B 263 -34.82 23.50 3.96
CA THR B 263 -36.28 23.79 3.84
C THR B 263 -36.99 22.62 3.15
N GLU B 264 -36.31 21.90 2.25
CA GLU B 264 -36.90 20.76 1.50
C GLU B 264 -37.14 19.57 2.45
N PHE B 265 -36.55 19.57 3.65
CA PHE B 265 -36.81 18.55 4.71
C PHE B 265 -37.86 19.04 5.71
N GLY B 266 -38.54 20.16 5.41
CA GLY B 266 -39.70 20.64 6.17
C GLY B 266 -39.36 21.70 7.20
N PHE B 267 -38.10 22.14 7.26
CA PHE B 267 -37.62 23.16 8.23
C PHE B 267 -37.99 24.56 7.72
N HIS B 268 -38.34 25.45 8.65
CA HIS B 268 -38.35 26.93 8.43
C HIS B 268 -36.95 27.33 8.00
N PRO B 269 -36.78 28.32 7.09
CA PRO B 269 -35.44 28.75 6.67
C PRO B 269 -34.52 29.26 7.79
N ASN B 270 -35.09 29.66 8.94
CA ASN B 270 -34.32 30.22 10.09
C ASN B 270 -33.77 29.10 10.98
N ALA B 271 -34.10 27.83 10.73
CA ALA B 271 -33.49 26.68 11.42
C ALA B 271 -31.99 26.69 11.14
N GLU B 272 -31.59 26.80 9.87
CA GLU B 272 -30.17 26.90 9.46
C GLU B 272 -29.55 28.14 10.11
N TRP B 273 -30.24 29.28 10.07
CA TRP B 273 -29.71 30.57 10.56
C TRP B 273 -29.43 30.50 12.08
N ILE B 274 -30.41 30.08 12.88
CA ILE B 274 -30.27 30.08 14.37
C ILE B 274 -29.15 29.10 14.77
N LEU B 275 -29.00 27.99 14.05
CA LEU B 275 -27.90 27.02 14.31
C LEU B 275 -26.56 27.66 13.96
N LYS B 276 -26.48 28.42 12.85
CA LYS B 276 -25.22 29.05 12.39
C LYS B 276 -24.77 30.14 13.37
N THR B 277 -25.66 30.66 14.23
CA THR B 277 -25.29 31.66 15.27
C THR B 277 -24.37 31.00 16.33
N LEU B 278 -24.23 29.67 16.31
CA LEU B 278 -23.40 28.91 17.30
C LEU B 278 -21.93 28.88 16.87
N VAL B 279 -21.60 29.27 15.64
CA VAL B 279 -20.24 29.08 15.04
C VAL B 279 -19.30 30.19 15.55
N ASN B 280 -19.72 31.45 15.39
CA ASN B 280 -18.96 32.64 15.86
C ASN B 280 -19.68 33.20 17.09
N THR B 281 -19.10 33.02 18.28
CA THR B 281 -19.76 33.30 19.58
C THR B 281 -18.88 34.20 20.45
N GLU B 282 -19.54 35.00 21.29
CA GLU B 282 -18.90 35.76 22.39
C GLU B 282 -19.23 35.03 23.70
N HIS B 283 -18.21 34.81 24.53
CA HIS B 283 -18.34 34.11 25.84
C HIS B 283 -17.99 35.11 26.95
N ALA B 284 -18.93 35.31 27.88
CA ALA B 284 -18.78 36.16 29.08
C ALA B 284 -18.39 35.27 30.26
N TYR B 285 -17.18 35.47 30.79
CA TYR B 285 -16.68 34.76 32.00
C TYR B 285 -16.12 35.80 32.98
N GLU B 286 -16.81 35.98 34.11
CA GLU B 286 -16.48 37.03 35.11
C GLU B 286 -16.37 38.37 34.37
N ASN B 287 -15.17 38.94 34.30
CA ASN B 287 -14.90 40.29 33.72
C ASN B 287 -14.34 40.15 32.29
N LYS B 288 -14.24 38.92 31.76
CA LYS B 288 -13.65 38.61 30.42
C LYS B 288 -14.76 38.44 29.38
N ARG B 289 -14.57 39.01 28.19
CA ARG B 289 -15.39 38.73 26.98
C ARG B 289 -14.46 38.13 25.92
N ILE B 290 -14.71 36.86 25.58
CA ILE B 290 -13.85 36.04 24.68
C ILE B 290 -14.66 35.73 23.42
N THR B 291 -14.18 36.16 22.26
CA THR B 291 -14.80 35.92 20.93
C THR B 291 -14.13 34.70 20.30
N VAL B 292 -14.92 33.69 19.93
CA VAL B 292 -14.43 32.38 19.42
C VAL B 292 -15.07 32.13 18.05
N GLU B 293 -14.25 31.71 17.08
CA GLU B 293 -14.70 31.27 15.73
C GLU B 293 -14.50 29.76 15.62
N GLY B 294 -15.58 29.02 15.39
CA GLY B 294 -15.56 27.55 15.37
C GLY B 294 -15.83 26.97 16.75
N GLY B 295 -16.10 25.67 16.80
CA GLY B 295 -16.44 24.94 18.03
C GLY B 295 -17.92 25.06 18.35
N MET B 296 -18.46 24.07 19.05
CA MET B 296 -19.86 24.11 19.57
C MET B 296 -19.82 24.69 20.98
N PRO B 297 -20.67 25.69 21.31
CA PRO B 297 -20.84 26.11 22.70
C PRO B 297 -21.47 24.95 23.46
N SER B 298 -20.77 24.45 24.48
CA SER B 298 -21.21 23.32 25.34
C SER B 298 -22.39 23.78 26.21
N GLY B 299 -23.61 23.39 25.85
CA GLY B 299 -24.82 23.60 26.68
C GLY B 299 -25.87 24.49 26.03
N CYS B 300 -25.69 24.88 24.77
CA CYS B 300 -26.76 25.48 23.93
C CYS B 300 -27.87 24.44 23.74
N SER B 301 -29.07 24.86 23.33
CA SER B 301 -30.19 23.93 23.01
C SER B 301 -29.70 22.94 21.94
N ALA B 302 -30.00 21.65 22.11
CA ALA B 302 -29.74 20.56 21.14
C ALA B 302 -28.23 20.30 20.98
N THR B 303 -27.41 20.65 21.98
CA THR B 303 -25.94 20.36 22.00
C THR B 303 -25.72 18.87 21.69
N SER B 304 -26.36 17.98 22.44
CA SER B 304 -26.19 16.50 22.33
C SER B 304 -26.53 16.05 20.90
N ILE B 305 -27.67 16.50 20.38
CA ILE B 305 -28.16 16.11 19.02
C ILE B 305 -27.17 16.62 17.98
N ILE B 306 -26.73 17.88 18.06
CA ILE B 306 -25.81 18.49 17.07
C ILE B 306 -24.48 17.72 17.08
N ASN B 307 -23.90 17.48 18.25
CA ASN B 307 -22.61 16.74 18.40
C ASN B 307 -22.76 15.32 17.84
N THR B 308 -23.91 14.69 18.07
CA THR B 308 -24.23 13.31 17.60
C THR B 308 -24.26 13.29 16.07
N ILE B 309 -24.97 14.25 15.46
CA ILE B 309 -25.09 14.38 13.98
C ILE B 309 -23.67 14.50 13.38
N LEU B 310 -22.85 15.39 13.94
CA LEU B 310 -21.46 15.63 13.45
C LEU B 310 -20.65 14.33 13.58
N ASN B 311 -20.79 13.61 14.70
CA ASN B 311 -20.06 12.34 14.95
C ASN B 311 -20.38 11.35 13.82
N ASN B 312 -21.66 11.23 13.46
CA ASN B 312 -22.13 10.32 12.37
C ASN B 312 -21.44 10.69 11.06
N ILE B 313 -21.43 11.99 10.72
CA ILE B 313 -20.88 12.50 9.43
C ILE B 313 -19.35 12.30 9.43
N TYR B 314 -18.68 12.53 10.57
CA TYR B 314 -17.20 12.39 10.72
C TYR B 314 -16.76 10.98 10.35
N VAL B 315 -17.48 9.95 10.82
CA VAL B 315 -17.13 8.52 10.57
C VAL B 315 -17.28 8.22 9.07
N LEU B 316 -18.39 8.61 8.45
CA LEU B 316 -18.62 8.40 6.99
C LEU B 316 -17.53 9.12 6.20
N TYR B 317 -17.21 10.36 6.59
CA TYR B 317 -16.16 11.21 5.95
C TYR B 317 -14.79 10.50 6.04
N ALA B 318 -14.39 10.06 7.22
CA ALA B 318 -13.05 9.48 7.49
C ALA B 318 -12.89 8.17 6.70
N LEU B 319 -13.91 7.32 6.72
CA LEU B 319 -13.89 6.02 5.99
C LEU B 319 -13.83 6.28 4.48
N ARG B 320 -14.60 7.25 3.98
CA ARG B 320 -14.67 7.57 2.53
C ARG B 320 -13.38 8.27 2.07
N ARG B 321 -12.70 8.98 2.97
CA ARG B 321 -11.42 9.67 2.65
C ARG B 321 -10.30 8.63 2.49
N HIS B 322 -10.40 7.52 3.22
CA HIS B 322 -9.36 6.45 3.24
C HIS B 322 -9.68 5.35 2.22
N TYR B 323 -10.95 4.92 2.13
CA TYR B 323 -11.39 3.72 1.39
C TYR B 323 -12.27 4.10 0.19
N GLU B 324 -12.20 3.26 -0.85
CA GLU B 324 -13.11 3.28 -2.04
C GLU B 324 -14.37 2.47 -1.72
N GLY B 325 -15.52 2.92 -2.19
CA GLY B 325 -16.80 2.17 -2.17
C GLY B 325 -17.46 2.11 -0.80
N VAL B 326 -17.22 3.10 0.06
CA VAL B 326 -17.85 3.16 1.43
C VAL B 326 -19.25 3.77 1.29
N GLU B 327 -20.26 3.07 1.82
CA GLU B 327 -21.67 3.55 1.92
C GLU B 327 -22.13 3.39 3.37
N LEU B 328 -23.35 3.82 3.68
CA LEU B 328 -23.93 3.76 5.06
C LEU B 328 -24.06 2.30 5.52
N ASP B 329 -24.09 1.34 4.58
CA ASP B 329 -24.25 -0.12 4.84
C ASP B 329 -22.89 -0.78 5.11
N THR B 330 -21.78 -0.07 4.91
CA THR B 330 -20.39 -0.60 5.10
C THR B 330 -20.13 -0.84 6.59
N TYR B 331 -20.80 -0.08 7.45
CA TYR B 331 -20.63 -0.11 8.92
C TYR B 331 -21.97 0.24 9.57
N THR B 332 -22.01 0.14 10.89
CA THR B 332 -23.11 0.64 11.74
C THR B 332 -22.47 1.40 12.89
N MET B 333 -23.18 2.36 13.48
CA MET B 333 -22.66 3.07 14.66
C MET B 333 -23.82 3.60 15.48
N ILE B 334 -23.52 3.95 16.73
CA ILE B 334 -24.42 4.75 17.58
C ILE B 334 -23.53 5.73 18.34
N SER B 335 -24.02 6.95 18.50
CA SER B 335 -23.30 8.08 19.13
C SER B 335 -24.21 8.76 20.15
N TYR B 336 -23.59 9.32 21.19
CA TYR B 336 -24.20 10.29 22.13
C TYR B 336 -23.16 11.39 22.33
N GLY B 337 -23.32 12.49 21.59
CA GLY B 337 -22.29 13.54 21.49
C GLY B 337 -20.99 12.95 21.00
N ASP B 338 -19.91 13.08 21.77
CA ASP B 338 -18.55 12.59 21.41
C ASP B 338 -18.45 11.08 21.64
N ASP B 339 -19.35 10.48 22.43
CA ASP B 339 -19.32 9.03 22.75
C ASP B 339 -19.80 8.24 21.52
N ILE B 340 -19.11 7.16 21.17
CA ILE B 340 -19.40 6.41 19.90
C ILE B 340 -18.98 4.94 20.02
N VAL B 341 -19.84 4.07 19.50
CA VAL B 341 -19.53 2.65 19.17
C VAL B 341 -19.73 2.49 17.66
N VAL B 342 -18.71 1.97 16.97
CA VAL B 342 -18.77 1.64 15.52
C VAL B 342 -18.58 0.14 15.38
N ALA B 343 -19.23 -0.48 14.39
CA ALA B 343 -19.08 -1.92 14.08
C ALA B 343 -19.15 -2.14 12.57
N SER B 344 -18.51 -3.21 12.11
CA SER B 344 -18.48 -3.65 10.70
C SER B 344 -18.04 -5.11 10.61
N ASP B 345 -18.50 -5.82 9.58
CA ASP B 345 -17.96 -7.14 9.18
C ASP B 345 -16.64 -6.94 8.43
N TYR B 346 -16.38 -5.74 7.89
CA TYR B 346 -15.10 -5.38 7.26
C TYR B 346 -14.05 -5.15 8.37
N ASP B 347 -12.81 -5.58 8.11
CA ASP B 347 -11.64 -5.32 9.00
C ASP B 347 -11.14 -3.89 8.74
N LEU B 348 -11.99 -2.90 9.05
CA LEU B 348 -11.66 -1.45 8.88
C LEU B 348 -10.42 -1.14 9.72
N ASP B 349 -9.47 -0.41 9.14
CA ASP B 349 -8.18 -0.03 9.77
C ASP B 349 -8.37 1.33 10.45
N PHE B 350 -8.86 1.35 11.69
CA PHE B 350 -9.19 2.60 12.42
C PHE B 350 -7.91 3.39 12.73
N GLU B 351 -6.77 2.70 12.91
CA GLU B 351 -5.46 3.36 13.13
C GLU B 351 -5.16 4.26 11.93
N ALA B 352 -5.44 3.79 10.71
CA ALA B 352 -5.17 4.50 9.44
C ALA B 352 -6.12 5.69 9.26
N LEU B 353 -7.24 5.74 10.01
CA LEU B 353 -8.23 6.85 9.93
C LEU B 353 -7.76 8.08 10.72
N LYS B 354 -6.75 7.93 11.60
CA LYS B 354 -6.28 9.02 12.49
C LYS B 354 -6.05 10.30 11.68
N PRO B 355 -5.21 10.30 10.61
CA PRO B 355 -4.96 11.52 9.84
C PRO B 355 -6.22 12.08 9.16
N HIS B 356 -7.20 11.23 8.83
CA HIS B 356 -8.46 11.64 8.16
C HIS B 356 -9.33 12.44 9.13
N PHE B 357 -9.42 11.98 10.39
CA PHE B 357 -10.13 12.76 11.43
C PHE B 357 -9.37 14.07 11.71
N LYS B 358 -8.03 14.01 11.63
CA LYS B 358 -7.21 15.22 11.86
C LYS B 358 -7.52 16.31 10.82
N SER B 359 -7.94 15.93 9.60
CA SER B 359 -8.35 16.94 8.57
C SER B 359 -9.57 17.73 9.04
N LEU B 360 -10.33 17.17 9.97
CA LEU B 360 -11.52 17.80 10.60
C LEU B 360 -11.13 18.54 11.89
N GLY B 361 -9.85 18.51 12.27
CA GLY B 361 -9.33 19.09 13.53
C GLY B 361 -9.56 18.19 14.73
N GLN B 362 -9.92 16.92 14.50
CA GLN B 362 -10.32 15.97 15.56
C GLN B 362 -9.20 14.94 15.76
N THR B 363 -8.92 14.60 17.02
CA THR B 363 -7.89 13.61 17.44
C THR B 363 -8.60 12.39 18.03
N ILE B 364 -8.57 11.26 17.33
CA ILE B 364 -9.19 9.98 17.81
C ILE B 364 -8.10 9.08 18.40
N THR B 365 -8.46 8.37 19.47
CA THR B 365 -7.64 7.31 20.10
C THR B 365 -8.60 6.21 20.55
N PRO B 366 -8.10 4.98 20.82
CA PRO B 366 -8.93 3.93 21.41
C PRO B 366 -9.46 4.36 22.78
N ALA B 367 -10.74 4.09 23.05
CA ALA B 367 -11.37 4.31 24.37
C ALA B 367 -10.70 3.42 25.41
N ASP B 368 -10.25 2.22 25.00
CA ASP B 368 -9.48 1.26 25.85
C ASP B 368 -8.01 1.70 25.86
N LYS B 369 -7.57 2.30 26.98
CA LYS B 369 -6.26 3.01 27.10
C LYS B 369 -5.14 2.00 27.39
N SER B 370 -5.47 0.72 27.55
CA SER B 370 -4.48 -0.39 27.73
C SER B 370 -3.66 -0.58 26.44
N ASP B 371 -3.94 0.23 25.42
CA ASP B 371 -3.13 0.34 24.17
C ASP B 371 -3.51 1.63 23.43
N LYS B 372 -2.52 2.31 22.83
CA LYS B 372 -2.69 3.61 22.11
C LYS B 372 -3.13 3.35 20.67
N GLY B 373 -3.29 2.08 20.27
CA GLY B 373 -3.64 1.66 18.90
C GLY B 373 -4.95 0.90 18.83
N PHE B 374 -5.67 1.02 17.70
CA PHE B 374 -6.93 0.28 17.39
C PHE B 374 -6.59 -1.12 16.89
N VAL B 375 -7.44 -2.10 17.21
CA VAL B 375 -7.28 -3.53 16.83
C VAL B 375 -8.61 -4.07 16.30
N LEU B 376 -8.54 -5.20 15.59
CA LEU B 376 -9.72 -5.91 15.03
C LEU B 376 -10.20 -6.94 16.05
N GLY B 377 -11.45 -7.41 15.90
CA GLY B 377 -11.98 -8.59 16.60
C GLY B 377 -12.45 -8.30 18.02
N HIS B 378 -12.58 -7.03 18.42
CA HIS B 378 -13.31 -6.64 19.66
C HIS B 378 -14.82 -6.88 19.40
N SER B 379 -15.57 -7.21 20.45
CA SER B 379 -17.03 -7.48 20.39
C SER B 379 -17.79 -6.45 21.24
N ILE B 380 -19.12 -6.50 21.20
CA ILE B 380 -20.01 -5.59 21.98
C ILE B 380 -19.75 -5.78 23.48
N THR B 381 -19.30 -6.96 23.92
CA THR B 381 -19.04 -7.26 25.36
C THR B 381 -17.67 -6.72 25.78
N ASP B 382 -16.93 -6.04 24.90
CA ASP B 382 -15.60 -5.46 25.17
C ASP B 382 -15.66 -3.94 25.32
N VAL B 383 -16.65 -3.27 24.69
CA VAL B 383 -16.65 -1.79 24.50
C VAL B 383 -17.39 -1.11 25.66
N THR B 384 -17.12 0.20 25.83
CA THR B 384 -17.81 1.09 26.78
C THR B 384 -18.59 2.15 26.00
N PHE B 385 -19.85 2.35 26.35
CA PHE B 385 -20.74 3.41 25.79
C PHE B 385 -21.51 4.05 26.95
N LEU B 386 -21.48 5.38 27.05
CA LEU B 386 -22.08 6.14 28.18
C LEU B 386 -21.57 5.56 29.51
N LYS B 387 -20.27 5.21 29.55
CA LYS B 387 -19.56 4.71 30.77
C LYS B 387 -20.09 3.32 31.17
N ARG B 388 -20.78 2.62 30.28
CA ARG B 388 -21.43 1.31 30.55
C ARG B 388 -20.93 0.26 29.56
N HIS B 389 -20.51 -0.90 30.07
CA HIS B 389 -20.26 -2.12 29.27
C HIS B 389 -21.61 -2.77 28.92
N PHE B 390 -21.58 -3.71 27.98
CA PHE B 390 -22.72 -4.57 27.58
C PHE B 390 -22.42 -5.98 28.11
N HIS B 391 -23.13 -6.42 29.16
CA HIS B 391 -23.01 -7.76 29.76
C HIS B 391 -24.34 -8.51 29.57
N MET B 392 -24.26 -9.80 29.20
CA MET B 392 -25.44 -10.68 29.10
C MET B 392 -25.88 -11.07 30.52
N ASP B 393 -27.10 -10.71 30.91
CA ASP B 393 -27.68 -11.09 32.22
C ASP B 393 -28.07 -12.57 32.17
N TYR B 394 -27.50 -13.39 33.06
CA TYR B 394 -27.74 -14.85 33.14
C TYR B 394 -29.23 -15.14 33.34
N GLY B 395 -29.88 -14.40 34.25
CA GLY B 395 -31.27 -14.63 34.66
C GLY B 395 -32.28 -14.41 33.54
N THR B 396 -32.08 -13.40 32.68
CA THR B 396 -33.09 -12.92 31.70
C THR B 396 -32.71 -13.26 30.25
N GLY B 397 -31.42 -13.41 29.94
CA GLY B 397 -30.93 -13.45 28.54
C GLY B 397 -31.03 -12.09 27.86
N PHE B 398 -31.10 -11.02 28.66
CA PHE B 398 -31.07 -9.60 28.19
C PHE B 398 -29.71 -8.98 28.50
N TYR B 399 -29.19 -8.14 27.60
CA TYR B 399 -28.02 -7.27 27.88
C TYR B 399 -28.40 -6.26 28.97
N LYS B 400 -27.45 -5.99 29.86
CA LYS B 400 -27.60 -4.97 30.93
C LYS B 400 -26.39 -4.04 30.90
N PRO B 401 -26.59 -2.74 31.22
CA PRO B 401 -25.49 -1.77 31.26
C PRO B 401 -24.72 -1.85 32.58
N VAL B 402 -23.44 -2.25 32.51
CA VAL B 402 -22.57 -2.47 33.70
C VAL B 402 -21.50 -1.38 33.71
N MET B 403 -21.51 -0.55 34.74
CA MET B 403 -20.46 0.48 34.94
C MET B 403 -19.27 -0.17 35.65
N ALA B 404 -18.06 0.30 35.35
CA ALA B 404 -16.81 -0.14 36.01
C ALA B 404 -16.95 0.17 37.50
N SER B 405 -16.51 -0.76 38.36
CA SER B 405 -16.59 -0.60 39.83
C SER B 405 -15.83 0.66 40.27
N LYS B 406 -14.74 1.01 39.59
CA LYS B 406 -13.95 2.24 39.87
C LYS B 406 -14.81 3.48 39.61
N THR B 407 -15.67 3.46 38.58
CA THR B 407 -16.61 4.56 38.25
C THR B 407 -17.64 4.69 39.38
N LEU B 408 -18.28 3.58 39.76
CA LEU B 408 -19.33 3.55 40.81
C LEU B 408 -18.73 4.00 42.15
N GLU B 409 -17.49 3.58 42.46
CA GLU B 409 -16.79 3.98 43.72
C GLU B 409 -16.62 5.50 43.76
N ALA B 410 -16.16 6.11 42.66
CA ALA B 410 -15.97 7.57 42.51
C ALA B 410 -17.31 8.29 42.71
N ILE B 411 -18.38 7.80 42.07
CA ILE B 411 -19.75 8.39 42.14
C ILE B 411 -20.23 8.38 43.60
N LEU B 412 -20.04 7.27 44.31
CA LEU B 412 -20.53 7.06 45.69
C LEU B 412 -19.73 7.90 46.71
N SER B 413 -18.52 8.33 46.35
CA SER B 413 -17.54 8.97 47.27
C SER B 413 -17.86 10.45 47.50
N PHE B 414 -18.79 11.02 46.73
CA PHE B 414 -19.17 12.46 46.80
C PHE B 414 -20.68 12.61 46.62
N ALA B 415 -21.25 13.65 47.24
CA ALA B 415 -22.67 14.02 47.12
C ALA B 415 -22.85 15.49 47.50
N ARG B 416 -23.78 16.19 46.82
CA ARG B 416 -24.26 17.52 47.25
C ARG B 416 -24.80 17.40 48.68
N ARG B 417 -24.49 18.37 49.54
CA ARG B 417 -24.89 18.37 50.97
C ARG B 417 -26.40 18.12 51.06
N GLY B 418 -26.80 17.16 51.92
CA GLY B 418 -28.21 16.85 52.23
C GLY B 418 -28.89 15.95 51.20
N THR B 419 -28.15 15.43 50.20
CA THR B 419 -28.73 14.66 49.06
C THR B 419 -28.31 13.18 49.09
N ILE B 420 -27.55 12.73 50.10
CA ILE B 420 -26.90 11.39 50.09
C ILE B 420 -27.96 10.30 49.92
N GLN B 421 -29.03 10.30 50.72
CA GLN B 421 -30.06 9.22 50.70
C GLN B 421 -30.67 9.13 49.30
N GLU B 422 -31.02 10.26 48.71
CA GLU B 422 -31.58 10.38 47.33
C GLU B 422 -30.55 9.83 46.34
N LYS B 423 -29.28 10.21 46.48
CA LYS B 423 -28.19 9.81 45.54
C LYS B 423 -27.99 8.29 45.62
N LEU B 424 -27.94 7.72 46.82
CA LEU B 424 -27.70 6.27 47.03
C LEU B 424 -28.76 5.46 46.27
N ILE B 425 -30.02 5.86 46.34
CA ILE B 425 -31.16 5.15 45.68
C ILE B 425 -30.99 5.26 44.15
N SER B 426 -30.59 6.44 43.66
CA SER B 426 -30.28 6.66 42.21
C SER B 426 -29.12 5.77 41.79
N VAL B 427 -28.03 5.76 42.55
CA VAL B 427 -26.78 5.02 42.16
C VAL B 427 -27.05 3.51 42.25
N ALA B 428 -27.90 3.08 43.18
CA ALA B 428 -28.30 1.66 43.35
C ALA B 428 -28.86 1.13 42.02
N GLY B 429 -29.61 1.97 41.30
CA GLY B 429 -30.15 1.66 39.95
C GLY B 429 -29.07 1.42 38.92
N LEU B 430 -27.90 2.05 39.08
CA LEU B 430 -26.71 1.85 38.20
C LEU B 430 -25.95 0.60 38.65
N ALA B 431 -25.83 0.39 39.97
CA ALA B 431 -24.92 -0.62 40.58
C ALA B 431 -25.53 -2.03 40.51
N VAL B 432 -26.86 -2.15 40.45
CA VAL B 432 -27.56 -3.48 40.44
C VAL B 432 -26.96 -4.37 39.34
N HIS B 433 -26.57 -3.79 38.21
CA HIS B 433 -26.11 -4.53 37.00
C HIS B 433 -24.73 -5.15 37.23
N SER B 434 -24.00 -4.73 38.27
CA SER B 434 -22.66 -5.27 38.63
C SER B 434 -22.79 -6.64 39.33
N GLY B 435 -24.01 -7.07 39.64
CA GLY B 435 -24.29 -8.35 40.31
C GLY B 435 -24.31 -8.20 41.83
N PRO B 436 -24.79 -9.23 42.56
CA PRO B 436 -25.06 -9.10 44.00
C PRO B 436 -23.82 -8.86 44.88
N ASP B 437 -22.69 -9.52 44.58
CA ASP B 437 -21.46 -9.45 45.41
C ASP B 437 -20.90 -8.02 45.32
N GLU B 438 -20.77 -7.48 44.12
CA GLU B 438 -20.20 -6.13 43.89
C GLU B 438 -21.17 -5.07 44.43
N TYR B 439 -22.48 -5.26 44.23
CA TYR B 439 -23.55 -4.38 44.77
C TYR B 439 -23.39 -4.29 46.30
N ARG B 440 -23.28 -5.44 46.98
CA ARG B 440 -23.11 -5.50 48.45
C ARG B 440 -21.85 -4.73 48.86
N ARG B 441 -20.73 -4.95 48.17
CA ARG B 441 -19.42 -4.33 48.52
C ARG B 441 -19.52 -2.80 48.37
N LEU B 442 -20.15 -2.32 47.29
CA LEU B 442 -20.20 -0.87 46.96
C LEU B 442 -20.99 -0.10 48.03
N PHE B 443 -22.02 -0.69 48.62
CA PHE B 443 -22.95 0.00 49.56
C PHE B 443 -22.61 -0.32 51.02
N GLU B 444 -21.63 -1.21 51.27
CA GLU B 444 -21.19 -1.61 52.64
C GLU B 444 -20.90 -0.37 53.49
N PRO B 445 -20.17 0.66 52.98
CA PRO B 445 -19.85 1.83 53.80
C PRO B 445 -21.06 2.58 54.38
N PHE B 446 -22.23 2.49 53.74
CA PHE B 446 -23.44 3.28 54.10
C PHE B 446 -24.40 2.48 55.00
N GLN B 447 -24.21 1.16 55.13
CA GLN B 447 -25.13 0.28 55.91
C GLN B 447 -25.23 0.80 57.34
N GLY B 448 -26.46 0.99 57.83
CA GLY B 448 -26.76 1.49 59.19
C GLY B 448 -26.85 3.01 59.24
N LEU B 449 -26.42 3.72 58.20
CA LEU B 449 -26.48 5.20 58.12
C LEU B 449 -27.60 5.66 57.19
N PHE B 450 -27.90 4.86 56.15
CA PHE B 450 -28.90 5.16 55.09
C PHE B 450 -29.63 3.86 54.71
N GLU B 451 -30.84 3.98 54.18
CA GLU B 451 -31.59 2.83 53.63
C GLU B 451 -30.99 2.49 52.26
N ILE B 452 -30.45 1.28 52.12
CA ILE B 452 -29.89 0.74 50.85
C ILE B 452 -30.90 -0.25 50.29
N PRO B 453 -31.44 -0.02 49.07
CA PRO B 453 -32.33 -0.99 48.43
C PRO B 453 -31.65 -2.35 48.37
N SER B 454 -32.40 -3.44 48.62
CA SER B 454 -31.89 -4.82 48.41
C SER B 454 -31.53 -4.97 46.93
N TYR B 455 -30.45 -5.69 46.63
CA TYR B 455 -30.12 -6.13 45.26
C TYR B 455 -31.37 -6.75 44.63
N ARG B 456 -32.02 -7.65 45.36
CA ARG B 456 -33.18 -8.44 44.86
C ARG B 456 -34.29 -7.50 44.35
N SER B 457 -34.63 -6.47 45.12
CA SER B 457 -35.76 -5.54 44.80
C SER B 457 -35.46 -4.78 43.51
N LEU B 458 -34.22 -4.30 43.34
CA LEU B 458 -33.82 -3.52 42.13
C LEU B 458 -33.69 -4.46 40.93
N TYR B 459 -33.27 -5.71 41.14
CA TYR B 459 -33.17 -6.70 40.04
C TYR B 459 -34.58 -6.96 39.47
N LEU B 460 -35.57 -7.25 40.33
CA LEU B 460 -36.96 -7.55 39.90
C LEU B 460 -37.59 -6.32 39.25
N ARG B 461 -37.33 -5.13 39.78
CA ARG B 461 -37.77 -3.84 39.17
C ARG B 461 -37.23 -3.74 37.74
N TRP B 462 -35.94 -4.07 37.55
CA TRP B 462 -35.26 -4.00 36.23
C TRP B 462 -35.90 -5.03 35.27
N VAL B 463 -36.12 -6.26 35.73
CA VAL B 463 -36.70 -7.36 34.88
C VAL B 463 -38.03 -6.86 34.31
N ASN B 464 -38.87 -6.24 35.14
CA ASN B 464 -40.19 -5.70 34.75
C ASN B 464 -40.00 -4.61 33.67
N ALA B 465 -39.00 -3.73 33.83
CA ALA B 465 -38.74 -2.59 32.92
C ALA B 465 -38.38 -3.12 31.52
N VAL B 466 -37.52 -4.14 31.43
CA VAL B 466 -37.01 -4.67 30.13
C VAL B 466 -38.07 -5.57 29.49
N CYS B 467 -38.79 -6.37 30.28
CA CYS B 467 -39.91 -7.23 29.81
C CYS B 467 -41.10 -6.36 29.39
N GLY B 468 -41.30 -5.22 30.07
CA GLY B 468 -42.33 -4.22 29.74
C GLY B 468 -42.06 -3.53 28.41
N ASP B 469 -40.78 -3.23 28.13
CA ASP B 469 -40.31 -2.62 26.86
C ASP B 469 -40.23 -3.71 25.79
N GLY C 5 9.72 11.26 -6.82
CA GLY C 5 10.16 10.06 -7.58
C GLY C 5 9.20 9.75 -8.74
N PRO C 6 9.22 8.51 -9.29
CA PRO C 6 8.31 8.14 -10.38
C PRO C 6 6.86 7.96 -9.92
N LEU C 7 5.93 8.67 -10.56
CA LEU C 7 4.46 8.60 -10.31
C LEU C 7 3.77 7.99 -11.54
N GLU C 8 2.76 7.14 -11.31
CA GLU C 8 2.04 6.37 -12.36
C GLU C 8 1.34 7.34 -13.32
N ARG C 9 1.21 6.96 -14.59
CA ARG C 9 0.62 7.79 -15.68
C ARG C 9 -0.91 7.73 -15.63
N GLN C 10 -1.48 6.58 -15.25
CA GLN C 10 -2.93 6.27 -15.40
C GLN C 10 -3.65 6.28 -14.05
N ARG C 11 -2.96 6.66 -12.96
CA ARG C 11 -3.57 6.79 -11.60
C ARG C 11 -4.47 8.02 -11.57
N PRO C 12 -5.66 7.96 -10.92
CA PRO C 12 -6.45 9.16 -10.64
C PRO C 12 -5.91 9.92 -9.43
N LEU C 13 -6.58 11.02 -9.05
CA LEU C 13 -6.23 11.87 -7.87
C LEU C 13 -7.09 11.43 -6.67
N LYS C 14 -7.35 10.12 -6.57
CA LYS C 14 -8.07 9.46 -5.45
C LYS C 14 -7.31 8.18 -5.07
N VAL C 15 -6.16 8.33 -4.39
CA VAL C 15 -5.25 7.21 -4.02
C VAL C 15 -5.80 6.54 -2.75
N ARG C 16 -6.97 5.90 -2.86
CA ARG C 16 -7.71 5.33 -1.71
C ARG C 16 -7.60 3.80 -1.73
N ALA C 17 -7.52 3.19 -0.53
CA ALA C 17 -7.37 1.73 -0.33
C ALA C 17 -8.67 1.01 -0.72
N LYS C 18 -8.56 -0.26 -1.10
CA LYS C 18 -9.71 -1.18 -1.25
C LYS C 18 -10.16 -1.59 0.15
N LEU C 19 -11.46 -1.85 0.34
CA LEU C 19 -12.00 -2.47 1.59
C LEU C 19 -11.39 -3.86 1.73
N PRO C 20 -10.85 -4.24 2.91
CA PRO C 20 -10.42 -5.62 3.15
C PRO C 20 -11.64 -6.52 3.38
N ARG C 21 -11.46 -7.73 3.93
CA ARG C 21 -12.57 -8.56 4.44
C ARG C 21 -12.47 -8.62 5.98
#